data_1P5E
#
_entry.id   1P5E
#
_cell.length_a   73.536
_cell.length_b   133.947
_cell.length_c   148.424
_cell.angle_alpha   90.00
_cell.angle_beta   90.00
_cell.angle_gamma   90.00
#
_symmetry.space_group_name_H-M   'P 21 21 21'
#
loop_
_entity.id
_entity.type
_entity.pdbx_description
1 polymer 'Cell division protein kinase 2'
2 polymer 'Cyclin A2'
3 non-polymer 4,5,6,7-TETRABROMOBENZOTRIAZOLE
4 water water
#
loop_
_entity_poly.entity_id
_entity_poly.type
_entity_poly.pdbx_seq_one_letter_code
_entity_poly.pdbx_strand_id
1 'polypeptide(L)'
;SMENFQKVEKIGEGTYGVVYKARNKLTGEVVALKKIRLDTETEGVPSTAIREISLLKELNHPNIVKLLDVIHTENKLYLV
FEFLHQDLKKFMDASALTGIPLPLIKSYLFQLLQGLAFCHSHRVLHRDLKPQNLLINTEGAIKLADFGLARAFGVPVRTY
(TPO)HEVVTLWYRAPEILLGCKYYSTAVDIWSLGCIFAEMVTRRALFPGDSEIDQLFRIFRTLGTPDEVVWPGVTSMPD
YKPSFPKWARQDFSKVVPPLDEDGRSLLSQMLHYDPNKRISAKAALAHPFFQDVTKPVPHLRL
;
A,C
2 'polypeptide(L)'
;VPDYHEDIHTYLREMEVKCKPKVGYMKKQPDITNSMRAILVDWLVEVGEEYKLQNETLHLAVNYIDRFLSSMSVLRGKLQ
LVGTAAMLLASKFEEIYPPEVAEFVYITDDTYTKKQVLRMEHLVLKVLTFDLAAPTVNQFLTQYFLHQQPANCKVESLAM
FLGELSLIDADPYLKYLPSVIAGAAFHLALYTVTGQSWPESLIRKTGYTLESLKPCLMDLHQTYLKAPQHAQQSIREKYK
NSKYHGVSLLNPPETLNL
;
B,D
#
loop_
_chem_comp.id
_chem_comp.type
_chem_comp.name
_chem_comp.formula
TBS non-polymer 4,5,6,7-TETRABROMOBENZOTRIAZOLE 'C6 H Br4 N3'
#
# COMPACT_ATOMS: atom_id res chain seq x y z
N SER A 1 52.54 -6.25 20.62
CA SER A 1 53.73 -5.33 20.67
C SER A 1 54.07 -4.82 19.27
N MET A 2 54.44 -3.54 19.20
CA MET A 2 54.86 -2.92 17.94
C MET A 2 56.06 -3.62 17.32
N GLU A 3 56.93 -4.15 18.19
CA GLU A 3 58.14 -4.86 17.76
C GLU A 3 57.89 -5.98 16.75
N ASN A 4 56.78 -6.70 16.92
CA ASN A 4 56.47 -7.83 16.05
C ASN A 4 55.95 -7.45 14.67
N PHE A 5 55.78 -6.15 14.43
CA PHE A 5 55.20 -5.69 13.18
C PHE A 5 56.21 -4.96 12.30
N GLN A 6 56.19 -5.29 11.01
CA GLN A 6 57.01 -4.63 10.03
C GLN A 6 56.11 -3.85 9.08
N LYS A 7 56.23 -2.52 9.12
CA LYS A 7 55.47 -1.63 8.24
C LYS A 7 55.93 -1.81 6.79
N VAL A 8 54.95 -1.78 5.88
CA VAL A 8 55.20 -2.06 4.48
C VAL A 8 55.05 -0.77 3.68
N GLU A 9 53.89 -0.13 3.80
CA GLU A 9 53.59 1.11 3.09
C GLU A 9 52.30 1.72 3.63
N LYS A 10 52.03 2.97 3.26
CA LYS A 10 50.79 3.64 3.62
C LYS A 10 49.68 3.23 2.69
N ILE A 11 48.48 2.98 3.24
CA ILE A 11 47.33 2.53 2.45
C ILE A 11 46.06 3.36 2.61
N GLY A 12 46.05 4.26 3.58
CA GLY A 12 44.93 5.16 3.79
C GLY A 12 45.25 6.14 4.89
N GLU A 13 44.24 6.92 5.27
CA GLU A 13 44.37 7.90 6.35
C GLU A 13 43.00 8.32 6.87
N GLY A 14 42.96 8.70 8.14
CA GLY A 14 41.75 9.18 8.78
C GLY A 14 42.01 10.54 9.41
N THR A 15 41.19 10.89 10.39
CA THR A 15 41.33 12.17 11.08
C THR A 15 42.53 12.21 12.02
N TYR A 16 42.83 11.08 12.66
CA TYR A 16 43.83 11.04 13.74
C TYR A 16 45.10 10.28 13.39
N GLY A 17 45.32 10.03 12.10
CA GLY A 17 46.49 9.31 11.68
C GLY A 17 46.30 8.57 10.37
N VAL A 18 47.39 8.04 9.86
CA VAL A 18 47.34 7.29 8.61
C VAL A 18 47.13 5.81 8.92
N VAL A 19 46.89 5.03 7.89
CA VAL A 19 46.77 3.59 8.04
C VAL A 19 47.91 2.97 7.23
N TYR A 20 48.65 2.05 7.85
CA TYR A 20 49.72 1.31 7.19
C TYR A 20 49.39 -0.15 6.95
N LYS A 21 49.77 -0.65 5.78
CA LYS A 21 49.93 -2.08 5.60
C LYS A 21 51.16 -2.52 6.40
N ALA A 22 51.02 -3.56 7.19
CA ALA A 22 52.13 -4.13 7.94
C ALA A 22 52.03 -5.64 7.95
N ARG A 23 53.10 -6.30 8.37
CA ARG A 23 53.07 -7.75 8.51
C ARG A 23 53.66 -8.18 9.84
N ASN A 24 52.98 -9.14 10.45
CA ASN A 24 53.41 -9.78 11.68
C ASN A 24 54.64 -10.61 11.33
N LYS A 25 55.77 -10.28 11.95
CA LYS A 25 57.04 -10.94 11.62
C LYS A 25 57.09 -12.40 12.06
N LEU A 26 56.24 -12.77 13.01
CA LEU A 26 56.26 -14.10 13.59
C LEU A 26 55.26 -15.07 12.96
N THR A 27 54.03 -14.59 12.71
CA THR A 27 52.98 -15.44 12.15
C THR A 27 52.89 -15.32 10.64
N GLY A 28 53.47 -14.25 10.09
CA GLY A 28 53.33 -13.91 8.69
C GLY A 28 52.08 -13.09 8.35
N GLU A 29 51.16 -12.93 9.31
CA GLU A 29 49.88 -12.29 9.01
C GLU A 29 50.05 -10.86 8.53
N VAL A 30 49.44 -10.55 7.39
CA VAL A 30 49.41 -9.18 6.88
C VAL A 30 48.26 -8.45 7.56
N VAL A 31 48.53 -7.24 8.04
CA VAL A 31 47.57 -6.46 8.80
C VAL A 31 47.52 -5.00 8.35
N ALA A 32 46.47 -4.31 8.74
CA ALA A 32 46.37 -2.86 8.60
C ALA A 32 46.53 -2.23 9.97
N LEU A 33 47.37 -1.21 10.07
CA LEU A 33 47.58 -0.52 11.35
C LEU A 33 47.02 0.88 11.25
N LYS A 34 45.99 1.12 12.04
CA LYS A 34 45.32 2.42 12.08
C LYS A 34 45.89 3.19 13.25
N LYS A 35 46.67 4.21 12.92
CA LYS A 35 47.32 5.04 13.92
C LYS A 35 46.33 6.07 14.45
N ILE A 36 46.24 6.17 15.77
CA ILE A 36 45.44 7.19 16.42
C ILE A 36 46.36 8.00 17.33
N ARG A 37 46.61 9.25 16.96
CA ARG A 37 47.43 10.17 17.75
C ARG A 37 46.66 10.61 19.00
N LEU A 38 47.32 10.58 20.15
CA LEU A 38 46.65 10.72 21.44
C LEU A 38 46.77 12.09 22.13
N ASP A 39 47.97 12.66 22.11
CA ASP A 39 48.33 13.90 22.87
C ASP A 39 48.02 13.89 24.38
N THR A 40 49.08 14.05 25.17
CA THR A 40 49.01 14.01 26.64
C THR A 40 48.11 15.11 27.23
N GLU A 41 48.10 16.26 26.57
CA GLU A 41 47.21 17.35 26.93
C GLU A 41 45.91 17.26 26.12
N THR A 42 45.35 18.42 25.78
CA THR A 42 44.17 18.55 24.92
C THR A 42 42.94 17.77 25.43
N GLU A 43 42.65 16.62 24.82
CA GLU A 43 41.38 15.96 25.10
C GLU A 43 41.45 14.47 25.43
N GLY A 44 42.65 13.90 25.37
CA GLY A 44 42.82 12.48 25.64
C GLY A 44 42.37 11.63 24.47
N VAL A 45 41.89 10.41 24.75
CA VAL A 45 41.44 9.51 23.68
C VAL A 45 40.21 10.08 22.97
N PRO A 46 40.32 10.31 21.66
CA PRO A 46 39.20 10.84 20.88
C PRO A 46 37.98 9.91 20.94
N SER A 47 36.79 10.48 21.10
CA SER A 47 35.54 9.73 21.21
C SER A 47 35.30 8.81 20.02
N THR A 48 35.76 9.25 18.85
CA THR A 48 35.63 8.46 17.63
C THR A 48 36.40 7.14 17.78
N ALA A 49 37.58 7.22 18.40
CA ALA A 49 38.37 6.02 18.68
C ALA A 49 37.73 5.19 19.80
N ILE A 50 37.18 5.88 20.79
CA ILE A 50 36.52 5.18 21.88
C ILE A 50 35.34 4.35 21.35
N ARG A 51 34.54 4.97 20.48
CA ARG A 51 33.42 4.30 19.84
C ARG A 51 33.83 3.20 18.85
N GLU A 52 34.81 3.49 17.98
CA GLU A 52 35.25 2.50 16.97
C GLU A 52 35.75 1.22 17.65
N ILE A 53 36.58 1.36 18.68
CA ILE A 53 37.16 0.20 19.34
C ILE A 53 36.12 -0.62 20.09
N SER A 54 35.35 0.03 20.96
CA SER A 54 34.37 -0.68 21.79
C SER A 54 33.27 -1.33 20.98
N LEU A 55 32.86 -0.71 19.87
CA LEU A 55 31.83 -1.31 19.06
C LEU A 55 32.38 -2.45 18.22
N LEU A 56 33.62 -2.29 17.73
CA LEU A 56 34.21 -3.31 16.88
C LEU A 56 34.57 -4.57 17.66
N LYS A 57 34.82 -4.41 18.96
CA LYS A 57 35.12 -5.54 19.85
C LYS A 57 33.92 -6.47 20.02
N GLU A 58 32.71 -5.95 19.78
CA GLU A 58 31.51 -6.77 19.86
C GLU A 58 31.14 -7.39 18.52
N LEU A 59 31.64 -6.79 17.45
CA LEU A 59 31.15 -7.10 16.11
C LEU A 59 32.06 -8.06 15.37
N ASN A 60 31.95 -9.34 15.70
CA ASN A 60 32.67 -10.37 14.99
C ASN A 60 31.80 -10.99 13.92
N HIS A 61 32.12 -10.72 12.67
CA HIS A 61 31.29 -11.16 11.55
C HIS A 61 32.13 -11.18 10.28
N PRO A 62 31.96 -12.19 9.42
CA PRO A 62 32.77 -12.28 8.18
C PRO A 62 32.66 -11.05 7.28
N ASN A 63 31.63 -10.22 7.43
CA ASN A 63 31.46 -9.02 6.60
C ASN A 63 31.65 -7.69 7.35
N ILE A 64 32.35 -7.76 8.46
CA ILE A 64 32.73 -6.59 9.22
C ILE A 64 34.24 -6.74 9.40
N VAL A 65 34.98 -5.68 9.05
CA VAL A 65 36.43 -5.65 9.25
C VAL A 65 36.77 -6.06 10.68
N LYS A 66 37.66 -7.03 10.83
CA LYS A 66 38.02 -7.55 12.15
C LYS A 66 39.13 -6.74 12.82
N LEU A 67 38.80 -6.17 13.98
CA LEU A 67 39.79 -5.58 14.86
C LEU A 67 40.52 -6.71 15.58
N LEU A 68 41.81 -6.83 15.32
CA LEU A 68 42.62 -7.93 15.86
C LEU A 68 43.19 -7.62 17.23
N ASP A 69 43.53 -6.35 17.47
CA ASP A 69 44.25 -5.94 18.66
C ASP A 69 44.31 -4.44 18.74
N VAL A 70 44.56 -3.92 19.95
CA VAL A 70 44.79 -2.50 20.16
C VAL A 70 46.13 -2.34 20.87
N ILE A 71 47.06 -1.62 20.25
CA ILE A 71 48.38 -1.42 20.84
C ILE A 71 48.55 0.03 21.29
N HIS A 72 48.83 0.21 22.57
CA HIS A 72 49.28 1.51 23.06
C HIS A 72 50.81 1.51 23.17
N THR A 73 51.45 2.20 22.23
CA THR A 73 52.89 2.35 22.28
C THR A 73 53.24 3.82 22.53
N GLU A 74 53.59 4.09 23.79
CA GLU A 74 54.05 5.40 24.28
C GLU A 74 53.39 6.59 23.56
N ASN A 75 52.13 6.83 23.95
CA ASN A 75 51.31 7.96 23.51
C ASN A 75 50.84 7.99 22.06
N LYS A 76 50.44 6.82 21.57
CA LYS A 76 49.56 6.70 20.40
C LYS A 76 48.81 5.37 20.46
N LEU A 77 47.69 5.30 19.76
CA LEU A 77 46.94 4.06 19.64
C LEU A 77 47.14 3.50 18.24
N TYR A 78 47.48 2.21 18.19
CA TYR A 78 47.51 1.48 16.94
C TYR A 78 46.41 0.45 16.95
N LEU A 79 45.47 0.61 16.02
CA LEU A 79 44.43 -0.40 15.83
C LEU A 79 44.90 -1.41 14.79
N VAL A 80 45.04 -2.66 15.23
CA VAL A 80 45.47 -3.74 14.35
C VAL A 80 44.27 -4.43 13.72
N PHE A 81 44.12 -4.24 12.41
CA PHE A 81 42.99 -4.77 11.66
C PHE A 81 43.46 -5.87 10.70
N GLU A 82 42.58 -6.79 10.35
CA GLU A 82 42.79 -7.71 9.23
C GLU A 82 43.02 -6.90 7.95
N PHE A 83 44.00 -7.31 7.15
CA PHE A 83 44.28 -6.59 5.91
C PHE A 83 43.32 -6.94 4.80
N LEU A 84 42.76 -5.91 4.19
CA LEU A 84 41.90 -6.03 3.03
C LEU A 84 42.54 -5.25 1.89
N HIS A 85 42.29 -5.65 0.65
CA HIS A 85 43.15 -5.25 -0.47
C HIS A 85 42.81 -3.91 -1.09
N GLN A 86 41.53 -3.59 -1.21
CA GLN A 86 41.13 -2.28 -1.68
C GLN A 86 39.71 -1.93 -1.25
N ASP A 87 39.32 -0.68 -1.50
CA ASP A 87 37.98 -0.22 -1.17
C ASP A 87 37.10 -0.24 -2.41
N LEU A 88 35.79 -0.21 -2.20
CA LEU A 88 34.84 -0.38 -3.31
C LEU A 88 34.90 0.76 -4.35
N LYS A 89 35.20 1.97 -3.89
CA LYS A 89 35.32 3.12 -4.78
C LYS A 89 36.43 2.89 -5.80
N LYS A 90 37.59 2.45 -5.32
CA LYS A 90 38.73 2.15 -6.20
C LYS A 90 38.38 1.05 -7.19
N PHE A 91 37.64 0.05 -6.73
CA PHE A 91 37.26 -1.08 -7.59
C PHE A 91 36.28 -0.63 -8.68
N MET A 92 35.36 0.27 -8.34
CA MET A 92 34.43 0.78 -9.34
C MET A 92 35.18 1.61 -10.40
N ASP A 93 36.14 2.42 -9.96
CA ASP A 93 37.02 3.16 -10.88
C ASP A 93 37.76 2.21 -11.81
N ALA A 94 38.37 1.18 -11.24
CA ALA A 94 39.09 0.15 -11.99
C ALA A 94 38.18 -0.60 -12.99
N SER A 95 36.88 -0.62 -12.69
CA SER A 95 35.87 -1.24 -13.54
C SER A 95 35.17 -0.22 -14.45
N ALA A 96 35.75 0.97 -14.60
CA ALA A 96 35.17 2.01 -15.47
C ALA A 96 35.04 1.55 -16.92
N LEU A 97 35.86 0.58 -17.29
CA LEU A 97 35.86 -0.01 -18.62
C LEU A 97 34.50 -0.62 -18.92
N THR A 98 34.38 -1.91 -18.62
CA THR A 98 33.10 -2.58 -18.53
C THR A 98 32.65 -2.45 -17.08
N GLY A 99 31.38 -2.73 -16.82
CA GLY A 99 30.87 -2.64 -15.46
C GLY A 99 31.42 -3.69 -14.53
N ILE A 100 30.79 -3.82 -13.37
CA ILE A 100 31.05 -4.93 -12.48
C ILE A 100 30.08 -6.03 -12.90
N PRO A 101 30.59 -7.25 -13.10
CA PRO A 101 29.71 -8.39 -13.39
C PRO A 101 28.58 -8.44 -12.37
N LEU A 102 27.36 -8.65 -12.87
CA LEU A 102 26.18 -8.69 -12.03
C LEU A 102 26.26 -9.70 -10.88
N PRO A 103 26.80 -10.91 -11.11
CA PRO A 103 26.98 -11.86 -10.02
C PRO A 103 27.78 -11.26 -8.87
N LEU A 104 28.73 -10.38 -9.19
CA LEU A 104 29.59 -9.76 -8.19
C LEU A 104 28.87 -8.64 -7.44
N ILE A 105 28.10 -7.82 -8.16
CA ILE A 105 27.26 -6.79 -7.56
C ILE A 105 26.28 -7.41 -6.57
N LYS A 106 25.66 -8.51 -6.99
CA LYS A 106 24.68 -9.25 -6.20
C LYS A 106 25.35 -9.84 -4.96
N SER A 107 26.53 -10.42 -5.15
CA SER A 107 27.34 -10.98 -4.06
C SER A 107 27.73 -9.91 -3.04
N TYR A 108 28.13 -8.75 -3.56
CA TYR A 108 28.57 -7.65 -2.70
C TYR A 108 27.39 -7.07 -1.94
N LEU A 109 26.27 -6.84 -2.62
CA LEU A 109 25.08 -6.32 -1.93
C LEU A 109 24.61 -7.27 -0.82
N PHE A 110 24.55 -8.56 -1.14
CA PHE A 110 24.13 -9.61 -0.20
C PHE A 110 25.03 -9.63 1.05
N GLN A 111 26.33 -9.60 0.82
CA GLN A 111 27.31 -9.55 1.91
C GLN A 111 27.22 -8.26 2.72
N LEU A 112 27.08 -7.11 2.04
CA LEU A 112 26.89 -5.84 2.74
C LEU A 112 25.66 -5.91 3.66
N LEU A 113 24.56 -6.44 3.13
CA LEU A 113 23.32 -6.58 3.88
C LEU A 113 23.46 -7.49 5.08
N GLN A 114 24.27 -8.54 4.95
CA GLN A 114 24.53 -9.46 6.06
C GLN A 114 25.27 -8.77 7.18
N GLY A 115 26.30 -8.00 6.81
CA GLY A 115 27.14 -7.28 7.75
C GLY A 115 26.29 -6.26 8.46
N LEU A 116 25.43 -5.57 7.71
CA LEU A 116 24.61 -4.49 8.26
C LEU A 116 23.55 -5.01 9.22
N ALA A 117 22.89 -6.11 8.81
CA ALA A 117 21.91 -6.78 9.66
C ALA A 117 22.56 -7.23 10.96
N PHE A 118 23.80 -7.70 10.89
CA PHE A 118 24.53 -8.06 12.09
C PHE A 118 24.76 -6.83 12.96
N CYS A 119 25.22 -5.72 12.35
CA CYS A 119 25.35 -4.45 13.11
C CYS A 119 24.08 -4.06 13.83
N HIS A 120 22.98 -4.03 13.07
CA HIS A 120 21.69 -3.57 13.59
C HIS A 120 21.13 -4.52 14.68
N SER A 121 21.36 -5.83 14.51
CA SER A 121 20.97 -6.81 15.54
C SER A 121 21.75 -6.62 16.82
N HIS A 122 22.88 -5.92 16.73
CA HIS A 122 23.73 -5.66 17.88
C HIS A 122 23.69 -4.19 18.28
N ARG A 123 22.53 -3.58 18.03
CA ARG A 123 22.28 -2.18 18.33
C ARG A 123 23.39 -1.19 17.89
N VAL A 124 23.97 -1.40 16.72
CA VAL A 124 24.97 -0.46 16.17
C VAL A 124 24.50 0.14 14.85
N LEU A 125 24.51 1.47 14.79
CA LEU A 125 24.31 2.20 13.54
C LEU A 125 25.69 2.54 12.99
N HIS A 126 25.90 2.31 11.69
CA HIS A 126 27.19 2.65 11.09
C HIS A 126 27.37 4.16 10.81
N ARG A 127 26.43 4.72 10.06
CA ARG A 127 26.30 6.17 9.83
C ARG A 127 27.30 6.79 8.86
N ASP A 128 28.03 5.97 8.11
CA ASP A 128 28.93 6.48 7.09
C ASP A 128 29.22 5.39 6.06
N LEU A 129 28.16 4.70 5.63
CA LEU A 129 28.29 3.73 4.56
C LEU A 129 28.42 4.45 3.21
N LYS A 130 29.63 4.37 2.68
CA LYS A 130 29.97 4.91 1.37
C LYS A 130 31.02 3.96 0.84
N PRO A 131 31.21 3.90 -0.49
CA PRO A 131 32.12 2.93 -1.12
C PRO A 131 33.53 2.93 -0.56
N GLN A 132 34.04 4.09 -0.14
CA GLN A 132 35.37 4.20 0.43
C GLN A 132 35.53 3.46 1.76
N ASN A 133 34.41 3.20 2.45
CA ASN A 133 34.45 2.45 3.73
C ASN A 133 34.05 0.98 3.60
N LEU A 134 34.02 0.49 2.37
CA LEU A 134 33.65 -0.90 2.11
C LEU A 134 34.86 -1.57 1.50
N LEU A 135 35.40 -2.57 2.19
CA LEU A 135 36.68 -3.13 1.78
C LEU A 135 36.52 -4.52 1.18
N ILE A 136 37.26 -4.76 0.08
CA ILE A 136 37.21 -6.03 -0.59
C ILE A 136 38.54 -6.77 -0.56
N ASN A 137 38.47 -8.10 -0.61
CA ASN A 137 39.67 -8.91 -0.70
C ASN A 137 39.69 -9.71 -1.99
N THR A 138 40.72 -10.53 -2.18
CA THR A 138 40.88 -11.28 -3.41
C THR A 138 40.00 -12.52 -3.46
N GLU A 139 39.40 -12.90 -2.33
CA GLU A 139 38.56 -14.10 -2.28
C GLU A 139 37.06 -13.84 -2.55
N GLY A 140 36.69 -12.58 -2.77
CA GLY A 140 35.30 -12.25 -3.06
C GLY A 140 34.53 -11.68 -1.88
N ALA A 141 35.20 -11.57 -0.74
CA ALA A 141 34.56 -10.95 0.43
C ALA A 141 34.46 -9.43 0.27
N ILE A 142 33.42 -8.85 0.87
CA ILE A 142 33.34 -7.41 1.07
C ILE A 142 32.95 -7.18 2.54
N LYS A 143 33.53 -6.16 3.17
CA LYS A 143 33.36 -5.91 4.59
C LYS A 143 33.14 -4.44 4.90
N LEU A 144 32.22 -4.18 5.85
CA LEU A 144 32.04 -2.83 6.39
C LEU A 144 33.25 -2.45 7.20
N ALA A 145 33.76 -1.24 6.95
CA ALA A 145 34.89 -0.74 7.73
C ALA A 145 34.65 0.70 8.17
N ASP A 146 35.57 1.21 9.00
CA ASP A 146 35.53 2.56 9.54
C ASP A 146 34.30 2.82 10.42
N PHE A 147 34.41 2.47 11.69
CA PHE A 147 33.31 2.58 12.64
C PHE A 147 33.50 3.80 13.55
N GLY A 148 34.36 4.73 13.15
CA GLY A 148 34.59 5.97 13.88
C GLY A 148 33.34 6.83 14.05
N LEU A 149 32.45 6.80 13.04
CA LEU A 149 31.22 7.57 13.05
C LEU A 149 29.99 6.78 13.56
N ALA A 150 30.19 5.52 13.93
CA ALA A 150 29.14 4.66 14.41
C ALA A 150 28.69 5.02 15.83
N ARG A 151 27.56 4.47 16.26
CA ARG A 151 27.15 4.54 17.66
C ARG A 151 26.19 3.42 18.09
N ALA A 152 26.25 3.08 19.38
CA ALA A 152 25.33 2.11 19.93
C ALA A 152 24.01 2.83 20.19
N PHE A 153 22.94 2.32 19.62
CA PHE A 153 21.64 2.97 19.82
C PHE A 153 20.81 2.25 20.87
N GLY A 154 19.79 2.94 21.36
CA GLY A 154 18.84 2.37 22.30
C GLY A 154 17.53 2.10 21.61
N VAL A 155 16.66 1.35 22.27
CA VAL A 155 15.36 1.03 21.75
C VAL A 155 14.29 1.54 22.73
N PRO A 156 13.41 2.44 22.30
CA PRO A 156 13.50 3.13 21.00
C PRO A 156 14.63 4.16 21.03
N VAL A 157 15.04 4.65 19.85
CA VAL A 157 16.16 5.58 19.77
C VAL A 157 15.80 6.95 20.37
N ARG A 158 16.81 7.70 20.79
CA ARG A 158 16.60 9.11 21.08
C ARG A 158 17.34 9.94 20.02
N THR A 159 17.32 11.25 20.19
CA THR A 159 17.98 12.15 19.26
C THR A 159 19.49 11.95 19.38
N TYR A 160 20.14 11.75 18.24
CA TYR A 160 21.59 11.61 18.17
C TYR A 160 22.14 12.72 17.27
N TPO A 161 23.44 12.66 16.95
CA TPO A 161 24.09 13.70 16.18
CB TPO A 161 25.57 13.38 16.01
CG2 TPO A 161 26.32 14.52 15.32
OG1 TPO A 161 26.14 13.16 17.30
P TPO A 161 26.56 11.68 17.78
O1P TPO A 161 26.99 11.69 19.31
O2P TPO A 161 25.33 10.70 17.61
O3P TPO A 161 27.77 11.17 16.89
C TPO A 161 23.39 13.94 14.87
O TPO A 161 23.03 12.99 14.15
N HIS A 162 23.16 15.21 14.55
CA HIS A 162 22.52 15.60 13.31
C HIS A 162 23.50 15.65 12.15
N GLU A 163 22.96 15.71 10.94
CA GLU A 163 23.74 15.89 9.71
C GLU A 163 24.78 14.80 9.51
N VAL A 164 24.52 13.62 10.06
CA VAL A 164 25.43 12.49 9.91
C VAL A 164 25.33 11.90 8.51
N VAL A 165 26.36 11.13 8.15
CA VAL A 165 26.46 10.43 6.89
C VAL A 165 27.01 11.36 5.82
N THR A 166 28.06 10.91 5.13
CA THR A 166 28.58 11.64 3.98
C THR A 166 27.41 11.99 3.06
N LEU A 167 27.36 13.27 2.69
CA LEU A 167 26.18 13.87 2.06
C LEU A 167 25.51 13.05 0.96
N TRP A 168 26.31 12.51 0.03
CA TRP A 168 25.75 11.80 -1.13
C TRP A 168 24.89 10.58 -0.72
N TYR A 169 25.18 10.05 0.46
CA TYR A 169 24.60 8.81 0.97
C TYR A 169 23.65 9.07 2.13
N ARG A 170 23.39 10.35 2.38
CA ARG A 170 22.57 10.78 3.51
C ARG A 170 21.09 10.64 3.23
N ALA A 171 20.35 10.10 4.20
CA ALA A 171 18.93 9.80 4.08
C ALA A 171 18.06 11.04 4.19
N PRO A 172 16.91 11.05 3.52
CA PRO A 172 16.01 12.22 3.55
C PRO A 172 15.59 12.64 4.94
N GLU A 173 15.38 11.69 5.85
CA GLU A 173 14.99 12.02 7.23
C GLU A 173 16.09 12.78 7.98
N ILE A 174 17.36 12.52 7.66
CA ILE A 174 18.47 13.32 8.21
C ILE A 174 18.42 14.73 7.59
N LEU A 175 18.30 14.75 6.26
CA LEU A 175 18.25 15.99 5.50
C LEU A 175 17.13 16.91 5.93
N LEU A 176 16.01 16.31 6.36
CA LEU A 176 14.84 17.05 6.76
C LEU A 176 14.79 17.31 8.27
N GLY A 177 15.90 17.01 8.95
CA GLY A 177 16.07 17.36 10.35
C GLY A 177 15.18 16.65 11.36
N CYS A 178 14.74 15.43 11.04
CA CYS A 178 13.94 14.66 11.99
C CYS A 178 14.62 14.50 13.34
N LYS A 179 13.81 14.57 14.39
CA LYS A 179 14.24 14.36 15.76
C LYS A 179 14.89 12.99 15.92
N TYR A 180 14.30 11.99 15.27
CA TYR A 180 14.73 10.61 15.43
C TYR A 180 15.13 10.00 14.10
N TYR A 181 16.26 9.32 14.11
CA TYR A 181 16.65 8.49 12.99
C TYR A 181 17.21 7.17 13.52
N SER A 182 17.07 6.11 12.72
CA SER A 182 17.44 4.79 13.18
C SER A 182 18.14 3.97 12.09
N THR A 183 17.94 2.65 12.12
CA THR A 183 18.64 1.72 11.25
C THR A 183 18.41 2.00 9.77
N ALA A 184 17.23 2.55 9.45
CA ALA A 184 16.86 2.82 8.06
C ALA A 184 17.84 3.77 7.37
N VAL A 185 18.58 4.59 8.13
CA VAL A 185 19.57 5.49 7.49
C VAL A 185 20.69 4.69 6.80
N ASP A 186 21.06 3.54 7.38
CA ASP A 186 22.16 2.74 6.81
C ASP A 186 21.67 2.03 5.55
N ILE A 187 20.41 1.61 5.56
CA ILE A 187 19.79 1.01 4.38
C ILE A 187 19.73 1.99 3.20
N TRP A 188 19.42 3.27 3.48
CA TRP A 188 19.38 4.29 2.44
C TRP A 188 20.76 4.36 1.80
N SER A 189 21.79 4.43 2.64
CA SER A 189 23.16 4.43 2.14
C SER A 189 23.45 3.22 1.24
N LEU A 190 23.10 2.03 1.69
CA LEU A 190 23.35 0.82 0.88
C LEU A 190 22.56 0.84 -0.43
N GLY A 191 21.38 1.46 -0.41
CA GLY A 191 20.57 1.65 -1.60
C GLY A 191 21.31 2.49 -2.63
N CYS A 192 21.92 3.60 -2.17
CA CYS A 192 22.76 4.44 -3.01
C CYS A 192 23.97 3.70 -3.53
N ILE A 193 24.57 2.85 -2.69
CA ILE A 193 25.71 2.04 -3.12
C ILE A 193 25.31 0.99 -4.16
N PHE A 194 24.12 0.41 -3.99
CA PHE A 194 23.61 -0.60 -4.93
C PHE A 194 23.54 0.05 -6.32
N ALA A 195 22.81 1.16 -6.39
CA ALA A 195 22.71 1.97 -7.61
C ALA A 195 24.08 2.28 -8.19
N GLU A 196 24.98 2.76 -7.34
CA GLU A 196 26.34 3.13 -7.77
C GLU A 196 27.15 1.99 -8.36
N MET A 197 27.02 0.79 -7.78
CA MET A 197 27.71 -0.39 -8.31
C MET A 197 27.26 -0.72 -9.74
N VAL A 198 25.99 -0.46 -10.05
CA VAL A 198 25.46 -0.73 -11.38
C VAL A 198 25.92 0.33 -12.42
N THR A 199 25.74 1.61 -12.08
CA THR A 199 26.06 2.71 -13.01
C THR A 199 27.50 3.20 -12.92
N ARG A 200 28.16 2.89 -11.80
CA ARG A 200 29.53 3.34 -11.50
C ARG A 200 29.65 4.84 -11.25
N ARG A 201 28.51 5.51 -11.05
CA ARG A 201 28.49 6.90 -10.63
C ARG A 201 27.48 7.13 -9.51
N ALA A 202 27.71 8.15 -8.69
CA ALA A 202 26.86 8.37 -7.53
C ALA A 202 25.44 8.70 -7.94
N LEU A 203 24.47 8.16 -7.21
CA LEU A 203 23.06 8.34 -7.52
C LEU A 203 22.58 9.76 -7.26
N PHE A 204 22.98 10.31 -6.12
CA PHE A 204 22.56 11.64 -5.68
C PHE A 204 23.81 12.44 -5.27
N PRO A 205 24.57 12.96 -6.24
CA PRO A 205 25.80 13.67 -5.92
C PRO A 205 25.59 15.17 -5.63
N GLY A 206 24.86 15.51 -4.56
CA GLY A 206 24.64 16.89 -4.18
C GLY A 206 25.83 17.57 -3.51
N ASP A 207 25.84 18.90 -3.50
CA ASP A 207 26.93 19.66 -2.86
C ASP A 207 26.49 20.40 -1.62
N SER A 208 25.19 20.35 -1.34
CA SER A 208 24.65 20.96 -0.14
C SER A 208 23.44 20.16 0.25
N GLU A 209 22.93 20.41 1.45
CA GLU A 209 21.77 19.68 1.96
C GLU A 209 20.55 19.89 1.07
N ILE A 210 20.27 21.13 0.69
CA ILE A 210 19.09 21.42 -0.13
C ILE A 210 19.22 20.86 -1.55
N ASP A 211 20.43 20.94 -2.09
CA ASP A 211 20.74 20.35 -3.38
C ASP A 211 20.58 18.83 -3.34
N GLN A 212 21.08 18.20 -2.28
CA GLN A 212 20.92 16.76 -2.07
C GLN A 212 19.44 16.36 -2.07
N LEU A 213 18.65 17.06 -1.25
CA LEU A 213 17.21 16.82 -1.16
C LEU A 213 16.51 16.93 -2.50
N PHE A 214 16.82 18.02 -3.23
CA PHE A 214 16.21 18.27 -4.55
C PHE A 214 16.59 17.20 -5.56
N ARG A 215 17.84 16.75 -5.55
CA ARG A 215 18.22 15.63 -6.44
C ARG A 215 17.45 14.36 -6.14
N ILE A 216 17.23 14.11 -4.85
CA ILE A 216 16.42 12.97 -4.41
C ILE A 216 14.97 13.15 -4.84
N PHE A 217 14.41 14.32 -4.56
CA PHE A 217 13.04 14.64 -4.96
C PHE A 217 12.79 14.46 -6.45
N ARG A 218 13.77 14.85 -7.27
CA ARG A 218 13.61 14.78 -8.72
C ARG A 218 13.71 13.37 -9.25
N THR A 219 14.28 12.47 -8.45
CA THR A 219 14.46 11.09 -8.83
C THR A 219 13.30 10.22 -8.38
N LEU A 220 12.82 10.47 -7.16
CA LEU A 220 11.85 9.62 -6.49
C LEU A 220 10.51 10.31 -6.31
N GLY A 221 10.43 11.57 -6.72
CA GLY A 221 9.25 12.38 -6.51
C GLY A 221 9.41 13.13 -5.21
N THR A 222 8.77 14.30 -5.11
CA THR A 222 8.72 15.02 -3.86
C THR A 222 7.71 14.29 -2.98
N PRO A 223 8.08 13.97 -1.73
CA PRO A 223 7.18 13.20 -0.87
C PRO A 223 6.07 14.05 -0.29
N ASP A 224 4.86 13.51 -0.32
CA ASP A 224 3.73 14.12 0.37
C ASP A 224 3.28 13.21 1.54
N GLU A 225 2.15 13.57 2.16
CA GLU A 225 1.65 12.85 3.32
C GLU A 225 1.17 11.44 2.99
N VAL A 226 0.84 11.21 1.72
CA VAL A 226 0.46 9.88 1.28
C VAL A 226 1.69 8.96 1.35
N VAL A 227 2.76 9.33 0.64
CA VAL A 227 3.95 8.50 0.59
C VAL A 227 4.67 8.43 1.94
N TRP A 228 4.60 9.51 2.74
CA TRP A 228 5.40 9.60 3.95
C TRP A 228 4.69 10.42 5.02
N PRO A 229 3.80 9.79 5.79
CA PRO A 229 3.00 10.50 6.79
C PRO A 229 3.90 11.23 7.78
N GLY A 230 3.63 12.52 8.01
CA GLY A 230 4.51 13.36 8.80
C GLY A 230 5.51 14.27 8.06
N VAL A 231 5.83 14.01 6.79
CA VAL A 231 6.88 14.80 6.08
C VAL A 231 6.74 16.30 6.26
N THR A 232 5.52 16.80 6.05
CA THR A 232 5.24 18.24 6.00
C THR A 232 5.39 18.91 7.36
N SER A 233 5.52 18.09 8.39
CA SER A 233 5.63 18.58 9.76
C SER A 233 7.07 18.54 10.23
N MET A 234 7.93 17.91 9.44
CA MET A 234 9.35 17.78 9.79
C MET A 234 10.07 19.12 9.81
N PRO A 235 11.03 19.28 10.73
CA PRO A 235 11.65 20.58 11.01
C PRO A 235 12.18 21.36 9.80
N ASP A 236 12.69 20.69 8.77
CA ASP A 236 13.27 21.40 7.63
C ASP A 236 12.53 21.15 6.33
N TYR A 237 11.30 20.65 6.46
CA TYR A 237 10.42 20.62 5.32
C TYR A 237 9.92 22.03 5.11
N LYS A 238 9.81 22.42 3.85
CA LYS A 238 9.25 23.71 3.51
C LYS A 238 8.21 23.53 2.42
N PRO A 239 7.04 24.14 2.60
CA PRO A 239 5.97 24.04 1.61
C PRO A 239 6.33 24.62 0.23
N SER A 240 7.33 25.50 0.17
CA SER A 240 7.80 26.01 -1.11
C SER A 240 8.62 25.02 -1.94
N PHE A 241 9.05 23.91 -1.33
CA PHE A 241 9.77 22.85 -2.06
C PHE A 241 9.05 22.57 -3.37
N PRO A 242 9.76 22.56 -4.49
CA PRO A 242 9.16 22.15 -5.77
C PRO A 242 8.54 20.74 -5.65
N LYS A 243 7.43 20.52 -6.35
CA LYS A 243 6.73 19.24 -6.29
C LYS A 243 6.98 18.40 -7.53
N TRP A 244 8.09 17.68 -7.54
CA TRP A 244 8.43 16.87 -8.71
C TRP A 244 7.65 15.55 -8.73
N ALA A 245 7.24 15.16 -9.93
CA ALA A 245 6.62 13.87 -10.14
C ALA A 245 7.65 12.76 -9.93
N ARG A 246 7.17 11.61 -9.47
CA ARG A 246 7.99 10.43 -9.36
C ARG A 246 8.27 9.85 -10.75
N GLN A 247 9.55 9.59 -11.00
CA GLN A 247 10.03 8.97 -12.24
C GLN A 247 9.64 7.49 -12.33
N ASP A 248 9.45 7.02 -13.56
CA ASP A 248 9.44 5.59 -13.86
C ASP A 248 10.72 5.02 -13.27
N PHE A 249 10.58 4.13 -12.30
CA PHE A 249 11.72 3.59 -11.57
C PHE A 249 12.72 2.81 -12.40
N SER A 250 12.28 2.27 -13.52
CA SER A 250 13.16 1.59 -14.48
C SER A 250 14.17 2.55 -15.12
N LYS A 251 13.93 3.85 -15.00
CA LYS A 251 14.84 4.85 -15.53
C LYS A 251 15.91 5.31 -14.54
N VAL A 252 15.74 5.00 -13.26
CA VAL A 252 16.72 5.37 -12.23
C VAL A 252 18.04 4.60 -12.36
N VAL A 253 17.91 3.29 -12.60
CA VAL A 253 19.06 2.42 -12.84
C VAL A 253 18.65 1.49 -14.00
N PRO A 254 18.71 2.01 -15.23
CA PRO A 254 18.16 1.30 -16.40
C PRO A 254 18.62 -0.15 -16.59
N PRO A 255 19.88 -0.52 -16.30
CA PRO A 255 20.29 -1.92 -16.45
C PRO A 255 19.60 -2.89 -15.49
N LEU A 256 18.92 -2.40 -14.46
CA LEU A 256 18.32 -3.30 -13.46
C LEU A 256 17.10 -4.08 -13.96
N ASP A 257 17.13 -5.38 -13.68
CA ASP A 257 16.02 -6.29 -13.92
C ASP A 257 14.92 -6.02 -12.89
N GLU A 258 13.77 -6.63 -13.11
CA GLU A 258 12.60 -6.48 -12.23
C GLU A 258 12.88 -6.67 -10.73
N ASP A 259 13.63 -7.72 -10.39
CA ASP A 259 13.93 -8.00 -8.98
C ASP A 259 14.84 -6.94 -8.36
N GLY A 260 15.93 -6.61 -9.05
CA GLY A 260 16.84 -5.56 -8.60
C GLY A 260 16.12 -4.24 -8.37
N ARG A 261 15.27 -3.88 -9.33
CA ARG A 261 14.47 -2.66 -9.24
C ARG A 261 13.55 -2.68 -8.03
N SER A 262 12.88 -3.82 -7.84
CA SER A 262 12.03 -4.03 -6.68
C SER A 262 12.83 -3.80 -5.39
N LEU A 263 13.98 -4.45 -5.29
CA LEU A 263 14.84 -4.34 -4.11
C LEU A 263 15.34 -2.91 -3.90
N LEU A 264 15.87 -2.28 -4.95
CA LEU A 264 16.32 -0.89 -4.86
C LEU A 264 15.21 0.03 -4.34
N SER A 265 14.01 -0.07 -4.92
CA SER A 265 12.88 0.77 -4.50
C SER A 265 12.52 0.58 -3.02
N GLN A 266 12.67 -0.63 -2.51
CA GLN A 266 12.38 -0.85 -1.08
C GLN A 266 13.49 -0.31 -0.19
N MET A 267 14.71 -0.22 -0.73
CA MET A 267 15.83 0.40 0.00
C MET A 267 15.78 1.94 -0.04
N LEU A 268 15.11 2.49 -1.06
CA LEU A 268 15.02 3.94 -1.26
C LEU A 268 13.64 4.50 -0.93
N HIS A 269 12.86 3.73 -0.17
CA HIS A 269 11.57 4.19 0.29
C HIS A 269 11.71 5.38 1.22
N TYR A 270 10.87 6.39 1.00
CA TYR A 270 10.92 7.62 1.76
C TYR A 270 10.68 7.43 3.25
N ASP A 271 9.59 6.75 3.59
CA ASP A 271 9.20 6.54 4.98
C ASP A 271 10.15 5.54 5.63
N PRO A 272 10.91 5.96 6.65
CA PRO A 272 11.86 5.08 7.33
C PRO A 272 11.17 3.80 7.83
N ASN A 273 9.94 3.92 8.31
CA ASN A 273 9.13 2.77 8.73
C ASN A 273 8.87 1.73 7.63
N LYS A 274 8.70 2.19 6.40
CA LYS A 274 8.45 1.29 5.28
C LYS A 274 9.72 0.81 4.57
N ARG A 275 10.81 1.58 4.66
CA ARG A 275 12.10 1.16 4.11
C ARG A 275 12.50 -0.22 4.65
N ILE A 276 12.98 -1.08 3.76
CA ILE A 276 13.30 -2.47 4.12
C ILE A 276 14.46 -2.53 5.11
N SER A 277 14.35 -3.45 6.08
CA SER A 277 15.43 -3.77 7.02
C SER A 277 16.49 -4.59 6.29
N ALA A 278 17.73 -4.54 6.74
CA ALA A 278 18.76 -5.41 6.15
C ALA A 278 18.38 -6.88 6.27
N LYS A 279 17.76 -7.21 7.38
CA LYS A 279 17.33 -8.57 7.65
C LYS A 279 16.33 -9.04 6.59
N ALA A 280 15.27 -8.26 6.36
CA ALA A 280 14.26 -8.62 5.36
C ALA A 280 14.83 -8.66 3.94
N ALA A 281 15.79 -7.79 3.64
CA ALA A 281 16.37 -7.73 2.29
C ALA A 281 17.14 -8.99 1.87
N LEU A 282 17.73 -9.68 2.85
CA LEU A 282 18.48 -10.89 2.56
C LEU A 282 17.62 -11.98 1.91
N ALA A 283 16.32 -11.93 2.14
CA ALA A 283 15.39 -12.91 1.57
C ALA A 283 14.68 -12.40 0.31
N HIS A 284 15.14 -11.29 -0.25
CA HIS A 284 14.54 -10.77 -1.48
C HIS A 284 14.86 -11.66 -2.68
N PRO A 285 13.89 -11.85 -3.59
CA PRO A 285 14.07 -12.65 -4.82
C PRO A 285 15.29 -12.30 -5.65
N PHE A 286 15.74 -11.04 -5.60
CA PHE A 286 16.96 -10.62 -6.29
C PHE A 286 18.13 -11.54 -5.95
N PHE A 287 18.17 -12.05 -4.73
CA PHE A 287 19.28 -12.89 -4.29
C PHE A 287 19.10 -14.40 -4.54
N GLN A 288 18.03 -14.81 -5.21
CA GLN A 288 17.73 -16.23 -5.38
C GLN A 288 18.87 -17.07 -5.91
N ASP A 289 19.67 -16.50 -6.81
CA ASP A 289 20.79 -17.23 -7.40
C ASP A 289 22.18 -16.72 -6.99
N VAL A 290 22.27 -16.12 -5.80
CA VAL A 290 23.53 -15.51 -5.36
C VAL A 290 24.66 -16.53 -5.15
N THR A 291 25.86 -16.14 -5.58
CA THR A 291 27.08 -16.87 -5.28
C THR A 291 28.09 -15.82 -4.85
N LYS A 292 29.27 -16.27 -4.41
CA LYS A 292 30.32 -15.37 -3.95
C LYS A 292 31.57 -15.53 -4.83
N PRO A 293 31.55 -14.99 -6.05
CA PRO A 293 32.70 -15.14 -6.94
C PRO A 293 33.84 -14.21 -6.52
N VAL A 294 35.04 -14.63 -6.86
CA VAL A 294 36.26 -13.85 -6.73
C VAL A 294 36.11 -12.57 -7.58
N PRO A 295 36.70 -11.45 -7.15
CA PRO A 295 36.67 -10.23 -7.97
C PRO A 295 37.34 -10.50 -9.32
N HIS A 296 36.77 -9.91 -10.36
CA HIS A 296 37.20 -10.18 -11.72
C HIS A 296 38.52 -9.49 -12.08
N LEU A 297 38.99 -8.62 -11.19
CA LEU A 297 40.20 -7.84 -11.40
C LEU A 297 41.22 -8.18 -10.33
N VAL B 1 14.29 -0.35 15.08
CA VAL B 1 12.82 -0.39 15.39
C VAL B 1 12.28 -1.86 15.40
N PRO B 2 11.04 -2.11 15.00
CA PRO B 2 10.40 -3.42 15.26
C PRO B 2 11.17 -4.66 14.75
N ASP B 3 11.82 -4.57 13.58
CA ASP B 3 12.53 -5.73 13.02
C ASP B 3 13.66 -6.28 13.92
N TYR B 4 14.21 -5.44 14.79
CA TYR B 4 15.36 -5.86 15.60
C TYR B 4 15.11 -5.85 17.11
N HIS B 5 13.89 -5.51 17.53
CA HIS B 5 13.55 -5.44 18.96
C HIS B 5 14.03 -6.67 19.75
N GLU B 6 13.60 -7.85 19.29
CA GLU B 6 13.94 -9.13 19.91
C GLU B 6 15.44 -9.49 19.87
N ASP B 7 16.08 -9.30 18.71
CA ASP B 7 17.52 -9.56 18.56
C ASP B 7 18.31 -8.76 19.59
N ILE B 8 18.01 -7.46 19.65
CA ILE B 8 18.71 -6.53 20.53
C ILE B 8 18.52 -6.87 22.01
N HIS B 9 17.27 -7.10 22.42
CA HIS B 9 16.97 -7.51 23.79
C HIS B 9 17.75 -8.79 24.18
N THR B 10 17.67 -9.81 23.34
CA THR B 10 18.47 -11.04 23.48
C THR B 10 19.94 -10.71 23.65
N TYR B 11 20.45 -9.85 22.76
CA TYR B 11 21.86 -9.51 22.80
C TYR B 11 22.27 -8.80 24.11
N LEU B 12 21.44 -7.85 24.55
CA LEU B 12 21.72 -7.13 25.80
C LEU B 12 21.64 -8.04 27.01
N ARG B 13 20.77 -9.05 26.93
CA ARG B 13 20.65 -10.01 28.02
C ARG B 13 21.93 -10.85 28.14
N GLU B 14 22.56 -11.10 27.00
CA GLU B 14 23.86 -11.79 26.98
C GLU B 14 24.98 -10.87 27.50
N MET B 15 24.99 -9.61 27.05
CA MET B 15 26.05 -8.68 27.40
C MET B 15 26.01 -8.24 28.87
N GLU B 16 24.82 -8.16 29.45
CA GLU B 16 24.71 -7.69 30.83
C GLU B 16 25.39 -8.67 31.79
N VAL B 17 25.33 -9.96 31.47
CA VAL B 17 26.05 -10.98 32.22
C VAL B 17 27.56 -10.82 32.06
N LYS B 18 27.99 -10.53 30.84
CA LYS B 18 29.41 -10.31 30.56
C LYS B 18 29.98 -9.02 31.15
N CYS B 19 29.13 -8.02 31.33
CA CYS B 19 29.57 -6.70 31.81
C CYS B 19 29.27 -6.46 33.29
N LYS B 20 28.79 -7.50 33.98
CA LYS B 20 28.48 -7.43 35.38
C LYS B 20 29.74 -7.25 36.22
N PRO B 21 29.68 -6.36 37.21
CA PRO B 21 30.77 -6.24 38.18
C PRO B 21 30.70 -7.42 39.17
N LYS B 22 31.76 -7.64 39.95
CA LYS B 22 31.69 -8.69 40.96
C LYS B 22 30.90 -8.23 42.19
N VAL B 23 29.91 -9.04 42.57
CA VAL B 23 29.00 -8.73 43.66
C VAL B 23 29.71 -8.34 44.94
N GLY B 24 30.88 -8.93 45.19
CA GLY B 24 31.51 -8.82 46.49
C GLY B 24 32.71 -7.88 46.60
N TYR B 25 32.97 -7.09 45.56
CA TYR B 25 34.23 -6.34 45.46
C TYR B 25 34.55 -5.42 46.63
N MET B 26 33.52 -4.83 47.24
CA MET B 26 33.74 -3.86 48.31
C MET B 26 34.41 -4.48 49.54
N LYS B 27 34.05 -5.74 49.83
CA LYS B 27 34.70 -6.52 50.89
C LYS B 27 36.20 -6.59 50.66
N LYS B 28 36.60 -6.51 49.40
CA LYS B 28 37.99 -6.70 49.00
C LYS B 28 38.70 -5.38 48.75
N GLN B 29 38.00 -4.27 48.97
CA GLN B 29 38.61 -2.95 48.93
C GLN B 29 38.96 -2.52 50.36
N PRO B 30 40.25 -2.39 50.65
CA PRO B 30 40.70 -2.10 52.01
C PRO B 30 40.27 -0.72 52.50
N ASP B 31 40.27 0.25 51.58
CA ASP B 31 40.17 1.66 51.93
C ASP B 31 38.87 2.36 51.55
N ILE B 32 37.98 1.67 50.83
CA ILE B 32 36.69 2.24 50.45
C ILE B 32 35.51 1.34 50.82
N THR B 33 34.34 1.96 50.96
CA THR B 33 33.13 1.31 51.46
C THR B 33 31.96 1.63 50.54
N ASN B 34 30.86 0.91 50.73
CA ASN B 34 29.63 1.16 50.01
C ASN B 34 29.15 2.59 50.17
N SER B 35 29.40 3.14 51.36
CA SER B 35 29.00 4.48 51.72
C SER B 35 29.79 5.54 50.96
N MET B 36 31.10 5.36 50.83
CA MET B 36 31.90 6.23 49.96
C MET B 36 31.49 6.14 48.49
N ARG B 37 31.18 4.93 48.03
CA ARG B 37 30.66 4.73 46.67
C ARG B 37 29.36 5.50 46.50
N ALA B 38 28.47 5.40 47.48
CA ALA B 38 27.20 6.13 47.50
C ALA B 38 27.43 7.62 47.32
N ILE B 39 28.41 8.16 48.04
CA ILE B 39 28.75 9.57 47.93
C ILE B 39 29.20 9.93 46.50
N LEU B 40 30.09 9.13 45.93
CA LEU B 40 30.57 9.31 44.56
C LEU B 40 29.44 9.33 43.53
N VAL B 41 28.60 8.30 43.55
CA VAL B 41 27.48 8.24 42.62
C VAL B 41 26.54 9.45 42.78
N ASP B 42 26.28 9.84 44.03
CA ASP B 42 25.43 11.01 44.27
C ASP B 42 26.01 12.28 43.63
N TRP B 43 27.31 12.49 43.80
CA TRP B 43 28.02 13.57 43.11
C TRP B 43 27.92 13.47 41.58
N LEU B 44 28.07 12.24 41.05
CA LEU B 44 27.92 12.04 39.60
C LEU B 44 26.54 12.44 39.09
N VAL B 45 25.50 12.15 39.86
CA VAL B 45 24.16 12.65 39.56
C VAL B 45 24.16 14.19 39.39
N GLU B 46 24.82 14.88 40.31
CA GLU B 46 24.95 16.35 40.29
C GLU B 46 25.71 16.83 39.07
N VAL B 47 26.83 16.16 38.77
CA VAL B 47 27.62 16.48 37.57
C VAL B 47 26.74 16.36 36.34
N GLY B 48 25.99 15.26 36.26
CA GLY B 48 25.06 15.03 35.17
C GLY B 48 24.04 16.15 35.02
N GLU B 49 23.52 16.64 36.15
CA GLU B 49 22.59 17.76 36.15
C GLU B 49 23.25 19.09 35.80
N GLU B 50 24.46 19.30 36.30
CA GLU B 50 25.21 20.53 36.01
C GLU B 50 25.47 20.68 34.52
N TYR B 51 25.76 19.56 33.86
CA TYR B 51 26.14 19.58 32.45
C TYR B 51 25.04 19.07 31.54
N LYS B 52 23.87 18.82 32.13
CA LYS B 52 22.70 18.36 31.40
C LYS B 52 23.03 17.12 30.54
N LEU B 53 23.62 16.12 31.19
CA LEU B 53 24.00 14.88 30.53
C LEU B 53 22.81 13.91 30.54
N GLN B 54 22.82 12.98 29.59
CA GLN B 54 21.80 11.93 29.52
C GLN B 54 21.87 11.07 30.77
N ASN B 55 20.73 10.50 31.17
CA ASN B 55 20.71 9.52 32.25
C ASN B 55 21.55 8.29 31.90
N GLU B 56 21.50 7.89 30.63
CA GLU B 56 22.31 6.79 30.11
C GLU B 56 23.80 6.97 30.44
N THR B 57 24.29 8.19 30.26
CA THR B 57 25.68 8.53 30.55
C THR B 57 26.02 8.23 32.02
N LEU B 58 25.12 8.61 32.93
CA LEU B 58 25.26 8.32 34.35
C LEU B 58 25.31 6.81 34.62
N HIS B 59 24.37 6.07 34.03
CA HIS B 59 24.33 4.61 34.20
C HIS B 59 25.59 3.91 33.70
N LEU B 60 26.12 4.34 32.56
CA LEU B 60 27.36 3.80 32.00
C LEU B 60 28.55 4.06 32.91
N ALA B 61 28.67 5.31 33.36
CA ALA B 61 29.77 5.71 34.22
C ALA B 61 29.81 4.86 35.48
N VAL B 62 28.65 4.65 36.10
CA VAL B 62 28.57 3.79 37.28
C VAL B 62 28.99 2.36 36.94
N ASN B 63 28.52 1.83 35.81
CA ASN B 63 28.95 0.50 35.37
C ASN B 63 30.47 0.41 35.21
N TYR B 64 31.08 1.45 34.64
CA TYR B 64 32.54 1.46 34.44
C TYR B 64 33.29 1.50 35.77
N ILE B 65 32.73 2.23 36.74
CA ILE B 65 33.32 2.37 38.06
C ILE B 65 33.30 1.05 38.81
N ASP B 66 32.13 0.39 38.83
CA ASP B 66 32.00 -0.87 39.54
C ASP B 66 32.87 -1.98 38.94
N ARG B 67 33.01 -1.98 37.62
CA ARG B 67 33.86 -2.92 36.93
C ARG B 67 35.34 -2.63 37.23
N PHE B 68 35.72 -1.36 37.17
CA PHE B 68 37.09 -0.96 37.46
C PHE B 68 37.45 -1.36 38.90
N LEU B 69 36.53 -1.09 39.83
CA LEU B 69 36.74 -1.40 41.23
C LEU B 69 36.67 -2.89 41.55
N SER B 70 36.17 -3.69 40.60
CA SER B 70 36.19 -5.14 40.73
C SER B 70 37.61 -5.74 40.51
N SER B 71 38.47 -5.00 39.80
CA SER B 71 39.84 -5.42 39.47
C SER B 71 40.88 -4.65 40.24
N MET B 72 40.57 -3.39 40.56
CA MET B 72 41.59 -2.46 41.02
C MET B 72 41.30 -1.91 42.40
N SER B 73 42.19 -2.21 43.31
CA SER B 73 42.21 -1.64 44.64
C SER B 73 42.49 -0.14 44.49
N VAL B 74 41.68 0.70 45.15
CA VAL B 74 41.78 2.15 45.02
C VAL B 74 41.71 2.85 46.37
N LEU B 75 42.57 3.85 46.57
CA LEU B 75 42.56 4.63 47.83
C LEU B 75 41.45 5.67 47.83
N ARG B 76 40.94 5.97 49.03
CA ARG B 76 39.81 6.91 49.19
C ARG B 76 40.02 8.25 48.48
N GLY B 77 41.23 8.79 48.56
CA GLY B 77 41.56 10.05 47.91
C GLY B 77 41.67 9.99 46.40
N LYS B 78 41.59 8.78 45.84
CA LYS B 78 41.64 8.60 44.39
C LYS B 78 40.29 8.16 43.79
N LEU B 79 39.33 7.82 44.65
CA LEU B 79 38.02 7.34 44.18
C LEU B 79 37.34 8.32 43.25
N GLN B 80 37.43 9.61 43.58
CA GLN B 80 36.80 10.64 42.78
C GLN B 80 37.45 10.79 41.40
N LEU B 81 38.76 10.53 41.34
CA LEU B 81 39.50 10.54 40.08
C LEU B 81 39.02 9.43 39.16
N VAL B 82 38.82 8.24 39.72
CA VAL B 82 38.24 7.10 38.98
C VAL B 82 36.86 7.52 38.44
N GLY B 83 36.01 8.01 39.35
CA GLY B 83 34.68 8.51 39.00
C GLY B 83 34.69 9.53 37.89
N THR B 84 35.60 10.50 37.98
CA THR B 84 35.67 11.57 36.97
C THR B 84 36.06 11.03 35.58
N ALA B 85 37.03 10.11 35.53
CA ALA B 85 37.47 9.53 34.27
C ALA B 85 36.36 8.69 33.63
N ALA B 86 35.66 7.92 34.46
CA ALA B 86 34.54 7.11 34.02
C ALA B 86 33.44 7.96 33.40
N MET B 87 33.18 9.12 34.02
CA MET B 87 32.12 10.02 33.54
C MET B 87 32.56 10.71 32.25
N LEU B 88 33.86 10.98 32.13
CA LEU B 88 34.42 11.47 30.88
C LEU B 88 34.27 10.43 29.77
N LEU B 89 34.66 9.18 30.06
CA LEU B 89 34.51 8.08 29.10
C LEU B 89 33.06 7.85 28.72
N ALA B 90 32.18 7.79 29.73
CA ALA B 90 30.75 7.68 29.44
C ALA B 90 30.26 8.79 28.51
N SER B 91 30.68 10.03 28.78
CA SER B 91 30.24 11.18 27.99
C SER B 91 30.73 11.10 26.54
N LYS B 92 32.02 10.81 26.34
CA LYS B 92 32.55 10.63 24.99
C LYS B 92 31.82 9.52 24.24
N PHE B 93 31.50 8.42 24.93
CA PHE B 93 30.80 7.31 24.30
C PHE B 93 29.34 7.67 23.97
N GLU B 94 28.64 8.29 24.92
CA GLU B 94 27.18 8.45 24.85
C GLU B 94 26.62 9.80 24.38
N GLU B 95 27.34 10.89 24.67
CA GLU B 95 26.82 12.24 24.42
C GLU B 95 27.09 12.80 23.03
N ILE B 96 26.15 13.59 22.51
CA ILE B 96 26.34 14.30 21.25
C ILE B 96 27.48 15.29 21.45
N TYR B 97 27.40 16.05 22.55
CA TYR B 97 28.37 17.07 22.90
C TYR B 97 28.91 16.81 24.31
N PRO B 98 29.94 15.96 24.44
CA PRO B 98 30.54 15.72 25.75
C PRO B 98 31.22 17.00 26.27
N PRO B 99 31.19 17.23 27.59
CA PRO B 99 31.96 18.33 28.18
C PRO B 99 33.43 18.16 27.88
N GLU B 100 34.15 19.26 27.65
CA GLU B 100 35.58 19.18 27.45
C GLU B 100 36.26 18.72 28.74
N VAL B 101 37.46 18.19 28.62
CA VAL B 101 38.18 17.66 29.79
C VAL B 101 38.36 18.73 30.88
N ALA B 102 38.61 19.97 30.49
CA ALA B 102 38.77 21.09 31.43
C ALA B 102 37.55 21.23 32.34
N GLU B 103 36.36 20.99 31.79
CA GLU B 103 35.13 21.05 32.57
C GLU B 103 35.06 19.95 33.62
N PHE B 104 35.57 18.76 33.30
CA PHE B 104 35.68 17.67 34.28
C PHE B 104 36.73 17.93 35.36
N VAL B 105 37.85 18.53 34.97
CA VAL B 105 38.88 18.96 35.92
C VAL B 105 38.30 19.98 36.90
N TYR B 106 37.60 20.99 36.37
CA TYR B 106 36.92 22.01 37.17
C TYR B 106 35.95 21.46 38.23
N ILE B 107 35.10 20.51 37.83
CA ILE B 107 34.07 19.95 38.75
C ILE B 107 34.63 19.18 39.94
N THR B 108 35.90 18.79 39.86
CA THR B 108 36.58 18.16 40.99
C THR B 108 37.21 19.21 41.92
N ASP B 109 36.83 20.47 41.75
CA ASP B 109 37.33 21.61 42.54
C ASP B 109 38.88 21.67 42.63
N ASP B 110 39.52 21.32 41.51
CA ASP B 110 40.98 21.23 41.40
C ASP B 110 41.69 20.31 42.41
N THR B 111 41.00 19.25 42.87
CA THR B 111 41.66 18.20 43.66
C THR B 111 42.73 17.51 42.79
N TYR B 112 42.44 17.38 41.50
CA TYR B 112 43.29 16.68 40.55
C TYR B 112 43.66 17.57 39.38
N THR B 113 44.77 17.25 38.72
CA THR B 113 45.17 17.98 37.52
C THR B 113 44.54 17.36 36.28
N LYS B 114 44.56 18.11 35.18
CA LYS B 114 44.17 17.61 33.87
C LYS B 114 44.94 16.34 33.48
N LYS B 115 46.24 16.32 33.77
CA LYS B 115 47.11 15.18 33.46
C LYS B 115 46.68 13.92 34.19
N GLN B 116 46.29 14.06 35.45
CA GLN B 116 45.79 12.93 36.23
C GLN B 116 44.53 12.33 35.61
N VAL B 117 43.57 13.19 35.29
CA VAL B 117 42.30 12.79 34.70
C VAL B 117 42.55 12.01 33.41
N LEU B 118 43.40 12.56 32.56
CA LEU B 118 43.74 11.96 31.28
C LEU B 118 44.48 10.63 31.41
N ARG B 119 45.37 10.54 32.40
CA ARG B 119 46.05 9.29 32.70
C ARG B 119 45.07 8.26 33.22
N MET B 120 44.15 8.68 34.07
CA MET B 120 43.12 7.77 34.59
C MET B 120 42.17 7.32 33.48
N GLU B 121 41.86 8.21 32.54
CA GLU B 121 41.01 7.84 31.41
C GLU B 121 41.60 6.62 30.72
N HIS B 122 42.90 6.69 30.42
CA HIS B 122 43.58 5.62 29.71
C HIS B 122 43.65 4.34 30.54
N LEU B 123 43.97 4.48 31.82
CA LEU B 123 44.01 3.33 32.73
C LEU B 123 42.66 2.61 32.79
N VAL B 124 41.58 3.37 32.93
CA VAL B 124 40.22 2.80 32.98
C VAL B 124 39.90 2.04 31.67
N LEU B 125 40.35 2.58 30.54
CA LEU B 125 40.12 1.93 29.24
C LEU B 125 40.91 0.63 29.13
N LYS B 126 42.10 0.62 29.72
CA LYS B 126 42.93 -0.58 29.79
C LYS B 126 42.30 -1.64 30.67
N VAL B 127 41.93 -1.26 31.89
CA VAL B 127 41.30 -2.20 32.80
C VAL B 127 40.00 -2.80 32.21
N LEU B 128 39.22 -1.96 31.54
CA LEU B 128 37.95 -2.40 30.94
C LEU B 128 38.16 -3.04 29.57
N THR B 129 39.41 -3.08 29.12
CA THR B 129 39.80 -3.45 27.75
C THR B 129 38.88 -2.85 26.69
N PHE B 130 38.56 -1.56 26.87
CA PHE B 130 37.76 -0.80 25.92
C PHE B 130 36.31 -1.30 25.76
N ASP B 131 35.85 -2.16 26.65
CA ASP B 131 34.51 -2.71 26.56
C ASP B 131 33.49 -1.76 27.20
N LEU B 132 33.11 -0.73 26.46
CA LEU B 132 32.29 0.38 27.00
C LEU B 132 30.80 0.35 26.67
N ALA B 133 30.40 -0.52 25.75
CA ALA B 133 29.01 -0.63 25.31
C ALA B 133 28.21 -1.54 26.25
N ALA B 134 28.12 -1.13 27.51
CA ALA B 134 27.50 -1.94 28.55
C ALA B 134 25.99 -1.69 28.61
N PRO B 135 25.20 -2.74 28.76
CA PRO B 135 23.76 -2.60 29.02
C PRO B 135 23.51 -1.94 30.36
N THR B 136 22.52 -1.06 30.39
CA THR B 136 22.17 -0.36 31.63
C THR B 136 20.71 -0.65 31.99
N VAL B 137 20.34 -0.29 33.20
CA VAL B 137 18.97 -0.38 33.65
C VAL B 137 18.10 0.42 32.69
N ASN B 138 18.63 1.58 32.30
CA ASN B 138 17.98 2.49 31.38
C ASN B 138 17.63 1.85 30.04
N GLN B 139 18.61 1.20 29.41
CA GLN B 139 18.39 0.57 28.11
C GLN B 139 17.27 -0.46 28.15
N PHE B 140 17.13 -1.20 29.25
CA PHE B 140 16.04 -2.17 29.39
C PHE B 140 14.69 -1.50 29.67
N LEU B 141 14.70 -0.48 30.54
CA LEU B 141 13.51 0.34 30.84
C LEU B 141 12.81 0.89 29.60
N THR B 142 13.56 1.52 28.70
CA THR B 142 12.97 2.11 27.49
C THR B 142 12.36 1.04 26.58
N GLN B 143 12.90 -0.18 26.60
CA GLN B 143 12.24 -1.27 25.88
C GLN B 143 10.96 -1.68 26.59
N TYR B 144 10.99 -1.74 27.92
CA TYR B 144 9.83 -2.17 28.69
C TYR B 144 8.69 -1.17 28.56
N PHE B 145 9.05 0.11 28.45
CA PHE B 145 8.07 1.20 28.25
C PHE B 145 7.17 0.98 27.03
N LEU B 146 7.67 0.27 26.03
CA LEU B 146 6.87 -0.03 24.84
C LEU B 146 5.68 -0.98 25.13
N HIS B 147 5.66 -1.57 26.31
CA HIS B 147 4.59 -2.48 26.69
C HIS B 147 3.57 -1.83 27.63
N GLN B 148 3.44 -0.52 27.55
CA GLN B 148 2.40 0.20 28.28
C GLN B 148 1.16 0.34 27.41
N GLN B 149 -0.02 0.29 28.02
CA GLN B 149 -1.25 0.61 27.29
C GLN B 149 -2.26 1.37 28.15
N PRO B 150 -2.33 2.70 27.96
CA PRO B 150 -1.47 3.42 27.02
C PRO B 150 -0.17 3.88 27.69
N ALA B 151 0.67 4.60 26.97
CA ALA B 151 1.90 5.15 27.54
C ALA B 151 1.58 6.20 28.60
N ASN B 152 2.32 6.16 29.71
CA ASN B 152 2.11 7.06 30.83
C ASN B 152 3.43 7.70 31.27
N CYS B 153 3.56 9.01 31.04
CA CYS B 153 4.81 9.75 31.27
C CYS B 153 5.31 9.68 32.71
N LYS B 154 4.38 9.62 33.66
CA LYS B 154 4.70 9.51 35.08
C LYS B 154 5.24 8.12 35.42
N VAL B 155 4.70 7.08 34.76
CA VAL B 155 5.19 5.71 34.92
C VAL B 155 6.65 5.63 34.47
N GLU B 156 6.92 6.15 33.28
CA GLU B 156 8.26 6.17 32.71
C GLU B 156 9.26 6.92 33.59
N SER B 157 8.96 8.16 33.92
CA SER B 157 9.79 8.98 34.80
C SER B 157 10.02 8.32 36.16
N LEU B 158 8.95 7.81 36.79
CA LEU B 158 9.10 7.15 38.08
C LEU B 158 9.97 5.90 38.02
N ALA B 159 9.80 5.10 36.97
CA ALA B 159 10.64 3.90 36.78
C ALA B 159 12.11 4.29 36.66
N MET B 160 12.40 5.33 35.87
CA MET B 160 13.76 5.88 35.75
C MET B 160 14.29 6.41 37.09
N PHE B 161 13.42 7.10 37.83
CA PHE B 161 13.74 7.55 39.18
C PHE B 161 14.19 6.37 40.04
N LEU B 162 13.41 5.30 40.07
CA LEU B 162 13.72 4.14 40.90
C LEU B 162 14.97 3.40 40.44
N GLY B 163 15.10 3.20 39.13
CA GLY B 163 16.31 2.60 38.56
C GLY B 163 17.54 3.40 38.95
N GLU B 164 17.39 4.72 38.98
CA GLU B 164 18.50 5.60 39.31
C GLU B 164 18.92 5.51 40.77
N LEU B 165 17.93 5.35 41.67
CA LEU B 165 18.18 5.17 43.09
C LEU B 165 19.03 3.93 43.39
N SER B 166 18.83 2.87 42.59
CA SER B 166 19.52 1.59 42.77
C SER B 166 21.00 1.71 42.46
N LEU B 167 21.38 2.73 41.70
CA LEU B 167 22.78 3.03 41.43
C LEU B 167 23.56 3.45 42.70
N ILE B 168 22.86 4.02 43.68
CA ILE B 168 23.53 4.57 44.86
C ILE B 168 24.02 3.50 45.85
N ASP B 169 23.30 2.39 45.96
CA ASP B 169 23.55 1.41 47.01
C ASP B 169 24.07 0.07 46.47
N ALA B 170 25.38 -0.13 46.53
CA ALA B 170 25.99 -1.39 46.07
C ALA B 170 25.35 -2.59 46.75
N ASP B 171 25.12 -2.42 48.05
CA ASP B 171 24.35 -3.38 48.81
C ASP B 171 22.94 -2.80 48.90
N PRO B 172 21.94 -3.50 48.37
CA PRO B 172 22.11 -4.81 47.74
C PRO B 172 22.14 -4.88 46.20
N TYR B 173 22.13 -3.75 45.48
CA TYR B 173 21.82 -3.79 44.04
C TYR B 173 22.87 -4.39 43.10
N LEU B 174 24.11 -4.45 43.57
CA LEU B 174 25.19 -5.09 42.81
C LEU B 174 24.89 -6.52 42.42
N LYS B 175 24.06 -7.19 43.22
CA LYS B 175 23.73 -8.58 42.96
C LYS B 175 22.61 -8.77 41.92
N TYR B 176 21.95 -7.69 41.54
CA TYR B 176 20.93 -7.77 40.50
C TYR B 176 21.42 -7.25 39.15
N LEU B 177 21.01 -7.95 38.10
CA LEU B 177 21.34 -7.55 36.73
C LEU B 177 20.44 -6.37 36.33
N PRO B 178 20.95 -5.52 35.43
CA PRO B 178 20.17 -4.39 34.89
C PRO B 178 18.76 -4.75 34.47
N SER B 179 18.55 -5.88 33.80
CA SER B 179 17.23 -6.26 33.29
C SER B 179 16.27 -6.56 34.42
N VAL B 180 16.81 -7.10 35.51
CA VAL B 180 16.03 -7.40 36.69
C VAL B 180 15.67 -6.13 37.47
N ILE B 181 16.63 -5.23 37.67
CA ILE B 181 16.33 -3.96 38.32
C ILE B 181 15.28 -3.18 37.54
N ALA B 182 15.45 -3.15 36.22
CA ALA B 182 14.50 -2.48 35.33
C ALA B 182 13.11 -3.10 35.43
N GLY B 183 13.06 -4.42 35.56
CA GLY B 183 11.80 -5.12 35.78
C GLY B 183 11.11 -4.68 37.06
N ALA B 184 11.84 -4.72 38.17
CA ALA B 184 11.30 -4.27 39.45
C ALA B 184 10.90 -2.78 39.42
N ALA B 185 11.74 -1.94 38.81
CA ALA B 185 11.48 -0.51 38.74
C ALA B 185 10.23 -0.22 37.92
N PHE B 186 10.08 -0.94 36.81
CA PHE B 186 8.91 -0.75 35.95
C PHE B 186 7.61 -1.23 36.61
N HIS B 187 7.62 -2.40 37.23
CA HIS B 187 6.42 -2.88 37.93
C HIS B 187 6.04 -1.90 39.05
N LEU B 188 7.02 -1.56 39.89
CA LEU B 188 6.81 -0.62 41.00
C LEU B 188 6.24 0.73 40.51
N ALA B 189 6.79 1.27 39.43
CA ALA B 189 6.32 2.54 38.89
C ALA B 189 4.88 2.46 38.42
N LEU B 190 4.60 1.41 37.64
CA LEU B 190 3.28 1.13 37.13
C LEU B 190 2.27 0.97 38.26
N TYR B 191 2.63 0.20 39.28
CA TYR B 191 1.75 -0.04 40.42
C TYR B 191 1.44 1.23 41.22
N THR B 192 2.47 2.00 41.53
CA THR B 192 2.34 3.27 42.25
C THR B 192 1.37 4.23 41.55
N VAL B 193 1.53 4.38 40.23
CA VAL B 193 0.82 5.40 39.48
C VAL B 193 -0.59 4.94 39.06
N THR B 194 -0.69 3.75 38.50
CA THR B 194 -1.93 3.27 37.86
C THR B 194 -2.59 2.07 38.56
N GLY B 195 -1.90 1.45 39.50
CA GLY B 195 -2.42 0.25 40.15
C GLY B 195 -2.28 -1.02 39.33
N GLN B 196 -1.76 -0.91 38.10
CA GLN B 196 -1.54 -2.08 37.24
C GLN B 196 -0.29 -2.84 37.66
N SER B 197 -0.06 -3.99 37.04
CA SER B 197 1.08 -4.84 37.39
C SER B 197 1.90 -5.27 36.18
N TRP B 198 3.13 -5.73 36.43
CA TRP B 198 4.01 -6.33 35.40
C TRP B 198 3.19 -7.08 34.35
N PRO B 199 3.18 -6.55 33.14
CA PRO B 199 2.30 -7.06 32.08
C PRO B 199 2.72 -8.42 31.52
N GLU B 200 1.70 -9.14 31.08
CA GLU B 200 1.84 -10.45 30.47
C GLU B 200 2.81 -10.43 29.31
N SER B 201 2.71 -9.38 28.49
CA SER B 201 3.54 -9.23 27.32
C SER B 201 5.04 -9.17 27.64
N LEU B 202 5.39 -8.71 28.85
CA LEU B 202 6.79 -8.64 29.27
C LEU B 202 7.28 -9.95 29.90
N ILE B 203 6.35 -10.77 30.38
CA ILE B 203 6.70 -12.14 30.76
C ILE B 203 7.11 -12.87 29.50
N ARG B 204 6.31 -12.73 28.44
CA ARG B 204 6.64 -13.36 27.17
C ARG B 204 8.01 -12.91 26.66
N LYS B 205 8.27 -11.60 26.70
CA LYS B 205 9.53 -11.01 26.22
C LYS B 205 10.73 -11.37 27.07
N THR B 206 10.61 -11.21 28.38
CA THR B 206 11.76 -11.34 29.27
C THR B 206 11.84 -12.70 29.96
N GLY B 207 10.71 -13.38 30.11
CA GLY B 207 10.67 -14.61 30.90
C GLY B 207 10.66 -14.33 32.40
N TYR B 208 10.66 -13.06 32.78
CA TYR B 208 10.57 -12.69 34.21
C TYR B 208 9.10 -12.63 34.61
N THR B 209 8.82 -13.11 35.82
CA THR B 209 7.48 -12.95 36.41
C THR B 209 7.63 -12.13 37.68
N LEU B 210 6.49 -11.73 38.25
CA LEU B 210 6.50 -11.06 39.55
C LEU B 210 7.24 -11.89 40.58
N GLU B 211 7.15 -13.22 40.45
CA GLU B 211 7.85 -14.14 41.34
C GLU B 211 9.36 -14.07 41.22
N SER B 212 9.89 -14.06 40.00
CA SER B 212 11.33 -13.96 39.81
C SER B 212 11.88 -12.58 40.17
N LEU B 213 11.05 -11.54 40.02
CA LEU B 213 11.43 -10.16 40.36
C LEU B 213 11.24 -9.81 41.85
N LYS B 214 10.46 -10.63 42.55
CA LYS B 214 10.12 -10.38 43.95
C LYS B 214 11.29 -9.89 44.83
N PRO B 215 12.37 -10.64 44.92
CA PRO B 215 13.51 -10.21 45.76
C PRO B 215 14.01 -8.80 45.45
N CYS B 216 14.25 -8.48 44.19
CA CYS B 216 14.65 -7.12 43.80
C CYS B 216 13.53 -6.11 44.13
N LEU B 217 12.30 -6.48 43.80
CA LEU B 217 11.14 -5.64 44.09
C LEU B 217 11.01 -5.34 45.59
N MET B 218 11.19 -6.38 46.43
CA MET B 218 11.20 -6.20 47.87
C MET B 218 12.26 -5.20 48.32
N ASP B 219 13.44 -5.27 47.71
CA ASP B 219 14.53 -4.34 48.01
C ASP B 219 14.20 -2.94 47.50
N LEU B 220 13.73 -2.84 46.25
CA LEU B 220 13.43 -1.55 45.64
C LEU B 220 12.32 -0.80 46.38
N HIS B 221 11.28 -1.54 46.76
CA HIS B 221 10.17 -0.99 47.54
C HIS B 221 10.66 -0.38 48.86
N GLN B 222 11.57 -1.07 49.56
CA GLN B 222 12.20 -0.48 50.75
C GLN B 222 12.95 0.79 50.42
N THR B 223 13.79 0.75 49.37
CA THR B 223 14.59 1.92 49.00
C THR B 223 13.69 3.11 48.72
N TYR B 224 12.64 2.85 47.96
CA TYR B 224 11.59 3.83 47.68
C TYR B 224 11.03 4.45 48.98
N LEU B 225 10.51 3.61 49.89
CA LEU B 225 9.90 4.08 51.13
C LEU B 225 10.87 4.87 52.02
N LYS B 226 12.15 4.54 51.93
CA LYS B 226 13.17 5.15 52.77
C LYS B 226 13.95 6.27 52.07
N ALA B 227 13.58 6.59 50.84
CA ALA B 227 14.34 7.53 50.02
C ALA B 227 14.47 8.95 50.62
N PRO B 228 13.40 9.52 51.18
CA PRO B 228 13.49 10.83 51.85
C PRO B 228 14.51 10.89 52.99
N GLN B 229 14.81 9.74 53.59
CA GLN B 229 15.67 9.64 54.76
C GLN B 229 17.14 9.29 54.42
N HIS B 230 17.36 8.80 53.20
CA HIS B 230 18.69 8.44 52.72
C HIS B 230 19.65 9.63 52.76
N ALA B 231 20.87 9.39 53.22
CA ALA B 231 21.93 10.41 53.30
C ALA B 231 22.21 11.11 51.95
N GLN B 232 21.98 10.39 50.86
CA GLN B 232 22.15 10.94 49.52
C GLN B 232 20.79 11.35 48.96
N GLN B 233 20.71 12.57 48.45
CA GLN B 233 19.42 13.16 48.08
C GLN B 233 19.39 13.74 46.66
N SER B 234 20.53 13.78 45.99
CA SER B 234 20.60 14.38 44.66
C SER B 234 19.62 13.82 43.62
N ILE B 235 19.29 12.54 43.72
CA ILE B 235 18.32 11.96 42.76
C ILE B 235 16.89 12.43 43.03
N ARG B 236 16.46 12.40 44.29
CA ARG B 236 15.16 12.97 44.68
C ARG B 236 15.00 14.41 44.21
N GLU B 237 16.04 15.23 44.42
CA GLU B 237 16.03 16.63 44.01
C GLU B 237 15.92 16.75 42.49
N LYS B 238 16.73 15.96 41.79
CA LYS B 238 16.72 15.94 40.34
C LYS B 238 15.33 15.61 39.83
N TYR B 239 14.70 14.59 40.42
CA TYR B 239 13.40 14.12 39.95
C TYR B 239 12.17 14.92 40.45
N LYS B 240 12.43 16.06 41.11
CA LYS B 240 11.39 17.05 41.41
C LYS B 240 11.11 17.93 40.18
N ASN B 241 12.12 18.06 39.32
CA ASN B 241 12.02 18.81 38.08
C ASN B 241 10.92 18.31 37.15
N SER B 242 10.29 19.25 36.44
CA SER B 242 9.19 18.95 35.52
C SER B 242 9.66 18.19 34.28
N LYS B 243 10.94 18.29 33.97
CA LYS B 243 11.57 17.45 32.95
C LYS B 243 11.23 15.98 33.21
N TYR B 244 11.15 15.64 34.48
CA TYR B 244 10.82 14.28 34.93
C TYR B 244 9.45 14.21 35.61
N HIS B 245 8.57 15.18 35.33
CA HIS B 245 7.18 15.17 35.80
C HIS B 245 7.07 15.10 37.32
N GLY B 246 8.03 15.71 38.02
CA GLY B 246 8.06 15.73 39.48
C GLY B 246 7.79 14.43 40.22
N VAL B 247 8.12 13.29 39.60
CA VAL B 247 7.77 11.98 40.17
C VAL B 247 8.33 11.68 41.55
N SER B 248 9.40 12.34 41.96
CA SER B 248 9.91 12.12 43.33
C SER B 248 8.98 12.64 44.43
N LEU B 249 7.93 13.37 44.04
CA LEU B 249 6.98 13.89 45.03
C LEU B 249 5.78 12.96 45.16
N LEU B 250 5.67 12.00 44.25
CA LEU B 250 4.65 10.96 44.34
C LEU B 250 4.87 10.14 45.60
N ASN B 251 3.79 9.66 46.22
CA ASN B 251 3.90 8.81 47.41
C ASN B 251 4.07 7.35 47.05
N PRO B 252 5.05 6.69 47.65
CA PRO B 252 5.22 5.25 47.47
C PRO B 252 4.05 4.48 48.11
N PRO B 253 3.72 3.31 47.60
CA PRO B 253 2.67 2.48 48.20
C PRO B 253 3.21 1.86 49.49
N GLU B 254 2.36 1.69 50.50
CA GLU B 254 2.81 1.10 51.76
C GLU B 254 2.99 -0.42 51.65
N THR B 255 2.21 -1.05 50.76
CA THR B 255 2.34 -2.48 50.51
C THR B 255 2.27 -2.75 49.02
N LEU B 256 2.87 -3.87 48.61
CA LEU B 256 2.88 -4.28 47.22
C LEU B 256 1.83 -5.35 46.94
N ASN B 257 1.33 -5.97 48.01
CA ASN B 257 0.32 -7.03 47.89
C ASN B 257 0.73 -8.11 46.88
N LEU B 258 1.84 -8.79 47.18
CA LEU B 258 2.39 -9.77 46.26
C LEU B 258 2.20 -11.20 46.76
N SER C 1 -17.09 20.98 -38.88
CA SER C 1 -17.63 19.75 -38.24
C SER C 1 -17.98 18.72 -39.31
N MET C 2 -19.09 18.98 -39.98
CA MET C 2 -19.60 18.15 -41.06
C MET C 2 -19.08 18.67 -42.38
N GLU C 3 -18.37 19.80 -42.31
CA GLU C 3 -17.71 20.43 -43.46
C GLU C 3 -16.97 19.43 -44.34
N ASN C 4 -16.34 18.44 -43.71
CA ASN C 4 -15.55 17.45 -44.44
C ASN C 4 -16.36 16.28 -45.02
N PHE C 5 -17.65 16.24 -44.75
CA PHE C 5 -18.50 15.14 -45.20
C PHE C 5 -19.52 15.52 -46.27
N GLN C 6 -19.55 14.74 -47.34
CA GLN C 6 -20.54 14.90 -48.38
C GLN C 6 -21.58 13.80 -48.29
N LYS C 7 -22.81 14.19 -47.95
CA LYS C 7 -23.92 13.25 -47.91
C LYS C 7 -24.20 12.77 -49.33
N VAL C 8 -24.44 11.47 -49.46
CA VAL C 8 -24.68 10.83 -50.74
C VAL C 8 -26.15 10.45 -50.88
N GLU C 9 -26.68 9.78 -49.86
CA GLU C 9 -28.07 9.33 -49.83
C GLU C 9 -28.50 8.94 -48.41
N LYS C 10 -29.82 8.92 -48.19
CA LYS C 10 -30.36 8.35 -46.96
C LYS C 10 -30.37 6.83 -47.09
N ILE C 11 -29.85 6.14 -46.07
CA ILE C 11 -29.81 4.69 -46.08
C ILE C 11 -30.67 4.05 -44.99
N GLY C 12 -31.31 4.89 -44.17
CA GLY C 12 -32.23 4.42 -43.15
C GLY C 12 -32.61 5.52 -42.17
N GLU C 13 -33.45 5.18 -41.19
CA GLU C 13 -33.78 6.07 -40.07
C GLU C 13 -34.51 5.36 -38.92
N GLY C 14 -35.82 5.58 -38.80
CA GLY C 14 -36.64 5.01 -37.73
C GLY C 14 -37.05 6.06 -36.72
N THR C 15 -36.42 6.01 -35.53
CA THR C 15 -36.58 7.02 -34.49
C THR C 15 -35.34 7.92 -34.55
N TYR C 16 -35.17 8.82 -33.57
CA TYR C 16 -33.96 9.64 -33.35
C TYR C 16 -33.48 10.58 -34.47
N GLY C 17 -33.64 10.15 -35.72
CA GLY C 17 -33.10 10.87 -36.85
C GLY C 17 -32.65 9.92 -37.95
N VAL C 18 -32.11 10.50 -39.02
CA VAL C 18 -31.81 9.73 -40.23
C VAL C 18 -30.37 9.17 -40.23
N VAL C 19 -30.18 8.07 -40.96
CA VAL C 19 -28.85 7.55 -41.25
C VAL C 19 -28.48 7.82 -42.71
N TYR C 20 -27.41 8.58 -42.92
CA TYR C 20 -26.94 8.96 -44.24
C TYR C 20 -25.69 8.21 -44.68
N LYS C 21 -25.62 7.88 -45.97
CA LYS C 21 -24.38 7.45 -46.57
C LYS C 21 -23.63 8.72 -46.92
N ALA C 22 -22.35 8.73 -46.60
CA ALA C 22 -21.53 9.91 -46.82
C ALA C 22 -20.08 9.56 -47.09
N ARG C 23 -19.35 10.51 -47.66
CA ARG C 23 -17.94 10.32 -47.94
C ARG C 23 -17.09 11.46 -47.35
N ASN C 24 -15.91 11.06 -46.86
CA ASN C 24 -14.95 12.02 -46.36
C ASN C 24 -14.26 12.68 -47.54
N LYS C 25 -14.52 13.98 -47.71
CA LYS C 25 -13.98 14.72 -48.84
C LYS C 25 -12.46 14.64 -48.92
N LEU C 26 -11.80 14.62 -47.76
CA LEU C 26 -10.35 14.68 -47.70
C LEU C 26 -9.67 13.31 -47.85
N THR C 27 -10.22 12.28 -47.21
CA THR C 27 -9.62 10.95 -47.23
C THR C 27 -10.24 9.99 -48.25
N GLY C 28 -11.45 10.29 -48.68
CA GLY C 28 -12.20 9.41 -49.58
C GLY C 28 -12.94 8.29 -48.88
N GLU C 29 -12.83 8.21 -47.56
CA GLU C 29 -13.53 7.17 -46.81
C GLU C 29 -15.03 7.32 -46.91
N VAL C 30 -15.71 6.19 -47.10
CA VAL C 30 -17.16 6.13 -47.14
C VAL C 30 -17.67 5.73 -45.75
N VAL C 31 -18.58 6.53 -45.23
CA VAL C 31 -19.10 6.32 -43.88
C VAL C 31 -20.62 6.35 -43.86
N ALA C 32 -21.19 5.94 -42.72
CA ALA C 32 -22.60 6.18 -42.43
C ALA C 32 -22.67 7.16 -41.27
N LEU C 33 -23.41 8.23 -41.48
CA LEU C 33 -23.63 9.23 -40.45
C LEU C 33 -25.02 9.03 -39.88
N LYS C 34 -25.07 8.78 -38.58
CA LYS C 34 -26.33 8.63 -37.86
C LYS C 34 -26.59 9.92 -37.10
N LYS C 35 -27.58 10.67 -37.57
CA LYS C 35 -27.94 11.96 -36.99
C LYS C 35 -28.88 11.76 -35.81
N ILE C 36 -28.50 12.30 -34.65
CA ILE C 36 -29.31 12.25 -33.43
C ILE C 36 -29.71 13.67 -33.04
N ARG C 37 -30.99 13.99 -33.18
CA ARG C 37 -31.44 15.32 -32.80
C ARG C 37 -31.48 15.47 -31.28
N LEU C 38 -30.93 16.59 -30.81
CA LEU C 38 -30.92 16.88 -29.39
C LEU C 38 -31.99 17.93 -29.13
N ASP C 39 -32.82 17.68 -28.12
CA ASP C 39 -33.77 18.70 -27.73
C ASP C 39 -33.20 19.53 -26.60
N THR C 40 -32.40 20.51 -27.05
CA THR C 40 -31.65 21.44 -26.24
C THR C 40 -32.52 22.11 -25.19
N GLU C 41 -33.79 22.23 -25.52
CA GLU C 41 -34.81 22.50 -24.54
C GLU C 41 -35.69 21.28 -24.56
N THR C 42 -35.91 20.76 -23.35
CA THR C 42 -36.75 19.62 -22.96
C THR C 42 -35.92 18.52 -22.31
N GLU C 43 -35.63 17.44 -23.03
CA GLU C 43 -35.08 16.26 -22.38
C GLU C 43 -33.57 16.05 -22.56
N GLY C 44 -32.93 16.89 -23.36
CA GLY C 44 -31.50 16.81 -23.57
C GLY C 44 -31.11 15.65 -24.48
N VAL C 45 -29.96 15.04 -24.21
CA VAL C 45 -29.43 13.97 -25.05
C VAL C 45 -30.22 12.71 -24.74
N PRO C 46 -30.83 12.09 -25.75
CA PRO C 46 -31.67 10.91 -25.49
C PRO C 46 -30.87 9.77 -24.85
N SER C 47 -31.52 9.02 -23.96
CA SER C 47 -30.85 7.96 -23.23
C SER C 47 -30.37 6.84 -24.14
N THR C 48 -31.10 6.58 -25.23
CA THR C 48 -30.68 5.58 -26.22
C THR C 48 -29.33 5.95 -26.84
N ALA C 49 -29.15 7.23 -27.15
CA ALA C 49 -27.89 7.71 -27.73
C ALA C 49 -26.73 7.65 -26.74
N ILE C 50 -27.00 7.99 -25.48
CA ILE C 50 -26.01 7.86 -24.41
C ILE C 50 -25.55 6.40 -24.24
N ARG C 51 -26.50 5.47 -24.27
CA ARG C 51 -26.16 4.05 -24.17
C ARG C 51 -25.41 3.56 -25.41
N GLU C 52 -25.96 3.80 -26.60
CA GLU C 52 -25.31 3.37 -27.85
C GLU C 52 -23.84 3.81 -27.91
N ILE C 53 -23.60 5.11 -27.76
CA ILE C 53 -22.25 5.67 -27.83
C ILE C 53 -21.31 5.15 -26.73
N SER C 54 -21.77 5.17 -25.48
CA SER C 54 -20.90 4.73 -24.39
C SER C 54 -20.52 3.26 -24.54
N LEU C 55 -21.50 2.41 -24.85
CA LEU C 55 -21.27 0.98 -25.01
C LEU C 55 -20.44 0.65 -26.24
N LEU C 56 -20.69 1.39 -27.32
CA LEU C 56 -19.97 1.18 -28.57
C LEU C 56 -18.49 1.54 -28.47
N LYS C 57 -18.17 2.49 -27.60
CA LYS C 57 -16.78 2.88 -27.34
C LYS C 57 -15.98 1.74 -26.70
N GLU C 58 -16.66 0.86 -25.96
CA GLU C 58 -16.01 -0.28 -25.31
C GLU C 58 -15.92 -1.52 -26.19
N LEU C 59 -16.79 -1.62 -27.20
CA LEU C 59 -16.87 -2.83 -28.00
C LEU C 59 -16.08 -2.73 -29.31
N ASN C 60 -14.77 -2.96 -29.20
CA ASN C 60 -13.88 -3.00 -30.36
C ASN C 60 -13.65 -4.46 -30.77
N HIS C 61 -14.35 -4.88 -31.84
CA HIS C 61 -14.30 -6.27 -32.31
C HIS C 61 -14.70 -6.30 -33.80
N PRO C 62 -14.02 -7.13 -34.60
CA PRO C 62 -14.28 -7.19 -36.04
C PRO C 62 -15.75 -7.44 -36.46
N ASN C 63 -16.57 -7.98 -35.56
CA ASN C 63 -17.96 -8.30 -35.86
C ASN C 63 -18.98 -7.42 -35.13
N ILE C 64 -18.55 -6.20 -34.83
CA ILE C 64 -19.41 -5.19 -34.24
C ILE C 64 -19.14 -3.93 -35.04
N VAL C 65 -20.19 -3.28 -35.50
CA VAL C 65 -20.02 -2.06 -36.29
C VAL C 65 -19.10 -1.09 -35.54
N LYS C 66 -18.13 -0.51 -36.25
CA LYS C 66 -17.16 0.38 -35.64
C LYS C 66 -17.61 1.84 -35.64
N LEU C 67 -17.70 2.41 -34.44
CA LEU C 67 -17.91 3.84 -34.27
C LEU C 67 -16.58 4.56 -34.45
N LEU C 68 -16.50 5.40 -35.48
CA LEU C 68 -15.28 6.10 -35.82
C LEU C 68 -15.17 7.45 -35.12
N ASP C 69 -16.30 8.12 -34.93
CA ASP C 69 -16.31 9.45 -34.33
C ASP C 69 -17.71 9.83 -33.82
N VAL C 70 -17.75 10.88 -33.01
CA VAL C 70 -18.99 11.51 -32.58
C VAL C 70 -18.76 13.00 -32.76
N ILE C 71 -19.57 13.61 -33.62
CA ILE C 71 -19.38 15.01 -33.98
C ILE C 71 -20.46 15.80 -33.26
N HIS C 72 -20.00 16.79 -32.49
CA HIS C 72 -20.88 17.55 -31.61
C HIS C 72 -21.28 18.87 -32.24
N THR C 73 -22.55 19.21 -32.11
CA THR C 73 -23.01 20.57 -32.32
C THR C 73 -23.92 20.91 -31.15
N GLU C 74 -24.28 22.18 -30.98
CA GLU C 74 -25.20 22.59 -29.93
C GLU C 74 -26.54 21.87 -30.09
N ASN C 75 -26.88 21.56 -31.34
CA ASN C 75 -28.22 21.16 -31.77
C ASN C 75 -28.37 19.70 -32.20
N LYS C 76 -27.26 19.11 -32.66
CA LYS C 76 -27.29 17.76 -33.24
C LYS C 76 -26.05 16.94 -32.89
N LEU C 77 -26.25 15.63 -32.82
CA LEU C 77 -25.15 14.70 -32.65
C LEU C 77 -25.03 13.86 -33.93
N TYR C 78 -23.84 13.82 -34.52
CA TYR C 78 -23.59 12.94 -35.66
C TYR C 78 -22.62 11.83 -35.29
N LEU C 79 -23.10 10.59 -35.36
CA LEU C 79 -22.27 9.42 -35.12
C LEU C 79 -21.69 8.92 -36.44
N VAL C 80 -20.38 8.83 -36.51
CA VAL C 80 -19.71 8.40 -37.73
C VAL C 80 -19.41 6.93 -37.57
N PHE C 81 -19.99 6.13 -38.46
CA PHE C 81 -19.83 4.68 -38.46
C PHE C 81 -19.11 4.28 -39.72
N GLU C 82 -18.35 3.19 -39.65
CA GLU C 82 -17.85 2.53 -40.84
C GLU C 82 -19.05 2.17 -41.73
N PHE C 83 -18.93 2.42 -43.03
CA PHE C 83 -19.97 2.05 -43.96
C PHE C 83 -19.96 0.55 -44.22
N LEU C 84 -21.14 -0.07 -44.17
CA LEU C 84 -21.29 -1.47 -44.62
C LEU C 84 -22.35 -1.51 -45.70
N HIS C 85 -22.37 -2.57 -46.50
CA HIS C 85 -23.08 -2.51 -47.79
C HIS C 85 -24.60 -2.71 -47.72
N GLN C 86 -25.06 -3.61 -46.87
CA GLN C 86 -26.49 -3.72 -46.55
C GLN C 86 -26.75 -4.59 -45.33
N ASP C 87 -28.01 -4.62 -44.89
CA ASP C 87 -28.40 -5.42 -43.74
C ASP C 87 -28.77 -6.81 -44.19
N LEU C 88 -28.78 -7.75 -43.24
CA LEU C 88 -29.08 -9.15 -43.51
C LEU C 88 -30.50 -9.38 -44.03
N LYS C 89 -31.48 -8.63 -43.52
CA LYS C 89 -32.86 -8.76 -44.02
C LYS C 89 -32.95 -8.54 -45.53
N LYS C 90 -32.36 -7.45 -46.03
CA LYS C 90 -32.41 -7.17 -47.46
C LYS C 90 -31.65 -8.22 -48.28
N PHE C 91 -30.56 -8.73 -47.71
CA PHE C 91 -29.79 -9.80 -48.34
C PHE C 91 -30.59 -11.09 -48.46
N MET C 92 -31.33 -11.42 -47.40
CA MET C 92 -32.17 -12.60 -47.41
C MET C 92 -33.31 -12.43 -48.43
N ASP C 93 -33.93 -11.26 -48.47
CA ASP C 93 -34.98 -10.98 -49.45
C ASP C 93 -34.46 -11.08 -50.88
N ALA C 94 -33.25 -10.58 -51.11
CA ALA C 94 -32.59 -10.66 -52.41
C ALA C 94 -32.29 -12.12 -52.75
N SER C 95 -32.16 -12.95 -51.72
CA SER C 95 -31.83 -14.36 -51.89
C SER C 95 -33.07 -15.25 -51.79
N ALA C 96 -34.25 -14.65 -51.77
CA ALA C 96 -35.50 -15.39 -51.59
C ALA C 96 -35.63 -16.58 -52.54
N LEU C 97 -35.21 -16.38 -53.79
CA LEU C 97 -35.33 -17.44 -54.80
C LEU C 97 -34.08 -18.35 -54.88
N THR C 98 -32.88 -17.75 -54.90
CA THR C 98 -31.65 -18.52 -55.06
C THR C 98 -31.28 -19.30 -53.82
N GLY C 99 -31.65 -18.77 -52.65
CA GLY C 99 -31.19 -19.33 -51.39
C GLY C 99 -29.81 -18.80 -51.03
N ILE C 100 -29.37 -19.11 -49.82
CA ILE C 100 -28.04 -18.73 -49.34
C ILE C 100 -27.17 -19.97 -49.17
N PRO C 101 -26.00 -20.01 -49.79
CA PRO C 101 -25.10 -21.15 -49.65
C PRO C 101 -24.82 -21.46 -48.18
N LEU C 102 -24.76 -22.75 -47.84
CA LEU C 102 -24.55 -23.21 -46.48
C LEU C 102 -23.26 -22.71 -45.84
N PRO C 103 -22.14 -22.69 -46.60
CA PRO C 103 -20.88 -22.14 -46.08
C PRO C 103 -21.03 -20.70 -45.62
N LEU C 104 -21.78 -19.88 -46.35
CA LEU C 104 -22.05 -18.50 -45.95
C LEU C 104 -22.89 -18.44 -44.67
N ILE C 105 -23.96 -19.23 -44.60
CA ILE C 105 -24.78 -19.25 -43.39
C ILE C 105 -23.93 -19.62 -42.18
N LYS C 106 -23.10 -20.64 -42.35
CA LYS C 106 -22.18 -21.09 -41.31
C LYS C 106 -21.27 -19.95 -40.88
N SER C 107 -20.64 -19.31 -41.86
CA SER C 107 -19.71 -18.21 -41.64
C SER C 107 -20.37 -17.03 -40.91
N TYR C 108 -21.54 -16.62 -41.42
CA TYR C 108 -22.27 -15.51 -40.83
C TYR C 108 -22.65 -15.82 -39.38
N LEU C 109 -23.14 -17.02 -39.13
CA LEU C 109 -23.49 -17.41 -37.77
C LEU C 109 -22.26 -17.43 -36.86
N PHE C 110 -21.14 -17.95 -37.38
CA PHE C 110 -19.89 -18.00 -36.64
C PHE C 110 -19.48 -16.59 -36.21
N GLN C 111 -19.50 -15.66 -37.17
CA GLN C 111 -19.11 -14.28 -36.92
C GLN C 111 -20.04 -13.54 -35.94
N LEU C 112 -21.34 -13.86 -36.01
CA LEU C 112 -22.33 -13.22 -35.12
C LEU C 112 -22.15 -13.70 -33.70
N LEU C 113 -21.89 -14.99 -33.53
CA LEU C 113 -21.65 -15.53 -32.20
C LEU C 113 -20.37 -14.99 -31.56
N GLN C 114 -19.39 -14.65 -32.40
CA GLN C 114 -18.12 -14.13 -31.90
C GLN C 114 -18.33 -12.70 -31.43
N GLY C 115 -19.04 -11.92 -32.25
CA GLY C 115 -19.39 -10.55 -31.93
C GLY C 115 -20.24 -10.50 -30.67
N LEU C 116 -21.16 -11.45 -30.55
CA LEU C 116 -22.04 -11.54 -29.39
C LEU C 116 -21.32 -12.03 -28.13
N ALA C 117 -20.48 -13.06 -28.27
CA ALA C 117 -19.67 -13.56 -27.15
C ALA C 117 -18.83 -12.44 -26.56
N PHE C 118 -18.28 -11.60 -27.43
CA PHE C 118 -17.57 -10.40 -27.03
C PHE C 118 -18.47 -9.41 -26.28
N CYS C 119 -19.68 -9.17 -26.80
CA CYS C 119 -20.65 -8.33 -26.10
C CYS C 119 -20.89 -8.86 -24.69
N HIS C 120 -21.28 -10.13 -24.59
CA HIS C 120 -21.61 -10.73 -23.31
C HIS C 120 -20.40 -10.74 -22.35
N SER C 121 -19.20 -10.90 -22.93
CA SER C 121 -17.95 -10.91 -22.17
C SER C 121 -17.61 -9.54 -21.61
N HIS C 122 -18.22 -8.52 -22.20
CA HIS C 122 -18.01 -7.13 -21.81
C HIS C 122 -19.25 -6.57 -21.11
N ARG C 123 -20.03 -7.47 -20.53
CA ARG C 123 -21.24 -7.16 -19.77
C ARG C 123 -22.26 -6.24 -20.49
N VAL C 124 -22.37 -6.42 -21.80
CA VAL C 124 -23.32 -5.66 -22.63
C VAL C 124 -24.35 -6.62 -23.25
N LEU C 125 -25.63 -6.36 -23.00
CA LEU C 125 -26.72 -7.06 -23.67
C LEU C 125 -27.10 -6.26 -24.92
N HIS C 126 -27.42 -6.93 -26.02
CA HIS C 126 -27.80 -6.20 -27.23
C HIS C 126 -29.30 -5.86 -27.25
N ARG C 127 -30.13 -6.89 -27.07
CA ARG C 127 -31.59 -6.78 -26.89
C ARG C 127 -32.41 -6.37 -28.12
N ASP C 128 -31.77 -6.24 -29.28
CA ASP C 128 -32.51 -6.03 -30.52
C ASP C 128 -31.87 -6.72 -31.71
N LEU C 129 -31.50 -7.99 -31.53
CA LEU C 129 -30.87 -8.74 -32.61
C LEU C 129 -31.93 -9.22 -33.60
N LYS C 130 -31.97 -8.56 -34.74
CA LYS C 130 -32.84 -8.93 -35.85
C LYS C 130 -32.04 -8.66 -37.14
N PRO C 131 -32.43 -9.27 -38.25
CA PRO C 131 -31.65 -9.20 -39.49
C PRO C 131 -31.42 -7.77 -39.99
N GLN C 132 -32.37 -6.87 -39.71
CA GLN C 132 -32.23 -5.46 -40.12
C GLN C 132 -31.14 -4.75 -39.33
N ASN C 133 -30.76 -5.29 -38.17
CA ASN C 133 -29.69 -4.71 -37.36
C ASN C 133 -28.31 -5.39 -37.56
N LEU C 134 -28.24 -6.30 -38.52
CA LEU C 134 -27.02 -7.04 -38.82
C LEU C 134 -26.55 -6.63 -40.20
N LEU C 135 -25.33 -6.11 -40.28
CA LEU C 135 -24.84 -5.52 -41.52
C LEU C 135 -23.75 -6.35 -42.14
N ILE C 136 -23.77 -6.43 -43.47
CA ILE C 136 -22.80 -7.22 -44.21
C ILE C 136 -22.00 -6.38 -45.19
N ASN C 137 -20.79 -6.83 -45.52
CA ASN C 137 -20.00 -6.23 -46.58
C ASN C 137 -19.74 -7.19 -47.76
N THR C 138 -19.11 -6.67 -48.80
CA THR C 138 -18.78 -7.46 -50.00
C THR C 138 -17.68 -8.51 -49.75
N GLU C 139 -17.03 -8.45 -48.59
CA GLU C 139 -15.90 -9.34 -48.28
C GLU C 139 -16.26 -10.59 -47.45
N GLY C 140 -17.51 -10.72 -47.05
CA GLY C 140 -17.95 -11.91 -46.32
C GLY C 140 -18.08 -11.69 -44.82
N ALA C 141 -17.93 -10.43 -44.39
CA ALA C 141 -18.09 -10.08 -42.99
C ALA C 141 -19.52 -9.73 -42.65
N ILE C 142 -19.91 -10.03 -41.41
CA ILE C 142 -21.17 -9.58 -40.83
C ILE C 142 -20.89 -9.00 -39.44
N LYS C 143 -21.57 -7.91 -39.11
CA LYS C 143 -21.35 -7.19 -37.85
C LYS C 143 -22.66 -6.85 -37.13
N LEU C 144 -22.64 -6.93 -35.80
CA LEU C 144 -23.71 -6.38 -34.97
C LEU C 144 -23.73 -4.87 -35.09
N ALA C 145 -24.94 -4.33 -35.23
CA ALA C 145 -25.15 -2.89 -35.27
C ALA C 145 -26.38 -2.50 -34.46
N ASP C 146 -26.64 -1.19 -34.43
CA ASP C 146 -27.75 -0.60 -33.70
C ASP C 146 -27.78 -0.98 -32.23
N PHE C 147 -26.93 -0.31 -31.45
CA PHE C 147 -26.84 -0.56 -30.01
C PHE C 147 -27.70 0.37 -29.18
N GLY C 148 -28.71 0.99 -29.81
CA GLY C 148 -29.60 1.93 -29.15
C GLY C 148 -30.43 1.34 -28.03
N LEU C 149 -30.70 0.04 -28.12
CA LEU C 149 -31.48 -0.68 -27.12
C LEU C 149 -30.60 -1.60 -26.25
N ALA C 150 -29.28 -1.46 -26.39
CA ALA C 150 -28.34 -2.23 -25.58
C ALA C 150 -28.27 -1.68 -24.14
N ARG C 151 -27.72 -2.46 -23.22
CA ARG C 151 -27.41 -1.98 -21.88
C ARG C 151 -26.33 -2.80 -21.17
N ALA C 152 -25.54 -2.12 -20.34
CA ALA C 152 -24.53 -2.76 -19.52
C ALA C 152 -25.21 -3.49 -18.37
N PHE C 153 -25.04 -4.81 -18.30
CA PHE C 153 -25.69 -5.57 -17.24
C PHE C 153 -24.80 -5.78 -16.03
N GLY C 154 -25.41 -6.19 -14.92
CA GLY C 154 -24.70 -6.53 -13.71
C GLY C 154 -24.68 -8.02 -13.44
N VAL C 155 -23.92 -8.43 -12.42
CA VAL C 155 -23.78 -9.84 -12.09
C VAL C 155 -23.98 -10.04 -10.59
N PRO C 156 -25.11 -10.63 -10.17
CA PRO C 156 -26.20 -11.04 -11.06
C PRO C 156 -27.06 -9.88 -11.57
N VAL C 157 -27.78 -10.13 -12.67
CA VAL C 157 -28.63 -9.14 -13.29
C VAL C 157 -29.78 -8.75 -12.36
N ARG C 158 -30.21 -7.50 -12.45
CA ARG C 158 -31.46 -7.10 -11.83
C ARG C 158 -32.54 -6.96 -12.90
N THR C 159 -33.76 -6.58 -12.50
CA THR C 159 -34.86 -6.41 -13.43
C THR C 159 -34.55 -5.25 -14.37
N TYR C 160 -34.60 -5.52 -15.67
CA TYR C 160 -34.37 -4.48 -16.69
C TYR C 160 -35.67 -4.19 -17.44
N TPO C 161 -35.58 -3.38 -18.49
CA TPO C 161 -36.77 -2.96 -19.24
CB TPO C 161 -36.42 -1.95 -20.32
CG2 TPO C 161 -37.69 -1.43 -21.01
OG1 TPO C 161 -35.73 -0.85 -19.73
P TPO C 161 -34.14 -0.60 -19.92
O1P TPO C 161 -33.69 0.63 -19.03
O2P TPO C 161 -33.38 -1.93 -19.45
O3P TPO C 161 -33.80 -0.29 -21.43
C TPO C 161 -37.50 -4.17 -19.79
O TPO C 161 -36.92 -5.00 -20.46
N HIS C 162 -38.79 -4.25 -19.49
CA HIS C 162 -39.65 -5.35 -19.93
C HIS C 162 -40.03 -5.17 -21.40
N GLU C 163 -40.46 -6.27 -22.03
CA GLU C 163 -41.00 -6.28 -23.39
C GLU C 163 -40.00 -5.75 -24.43
N VAL C 164 -38.72 -5.96 -24.14
CA VAL C 164 -37.63 -5.66 -25.06
C VAL C 164 -37.59 -6.67 -26.20
N VAL C 165 -36.78 -6.39 -27.22
CA VAL C 165 -36.62 -7.24 -28.41
C VAL C 165 -37.86 -7.22 -29.30
N THR C 166 -37.63 -6.91 -30.57
CA THR C 166 -38.67 -6.98 -31.58
C THR C 166 -39.39 -8.32 -31.46
N LEU C 167 -40.72 -8.27 -31.40
CA LEU C 167 -41.57 -9.44 -31.14
C LEU C 167 -41.07 -10.77 -31.72
N TRP C 168 -40.88 -10.82 -33.03
CA TRP C 168 -40.49 -12.06 -33.73
C TRP C 168 -39.24 -12.72 -33.15
N TYR C 169 -38.39 -11.91 -32.50
CA TYR C 169 -37.09 -12.39 -32.02
C TYR C 169 -37.03 -12.44 -30.49
N ARG C 170 -38.17 -12.19 -29.86
CA ARG C 170 -38.31 -12.14 -28.41
C ARG C 170 -38.31 -13.54 -27.80
N ALA C 171 -37.52 -13.73 -26.74
CA ALA C 171 -37.41 -15.02 -26.05
C ALA C 171 -38.68 -15.33 -25.26
N PRO C 172 -38.96 -16.61 -25.02
CA PRO C 172 -40.13 -17.00 -24.22
C PRO C 172 -40.14 -16.38 -22.83
N GLU C 173 -38.97 -16.27 -22.18
CA GLU C 173 -38.89 -15.66 -20.85
C GLU C 173 -39.34 -14.19 -20.82
N ILE C 174 -39.19 -13.49 -21.95
CA ILE C 174 -39.63 -12.09 -22.05
C ILE C 174 -41.13 -12.03 -22.27
N LEU C 175 -41.63 -12.95 -23.09
CA LEU C 175 -43.05 -13.00 -23.44
C LEU C 175 -43.91 -13.33 -22.22
N LEU C 176 -43.41 -14.24 -21.39
CA LEU C 176 -44.11 -14.65 -20.17
C LEU C 176 -43.90 -13.68 -19.01
N GLY C 177 -43.07 -12.66 -19.25
CA GLY C 177 -42.85 -11.60 -18.28
C GLY C 177 -42.11 -12.01 -17.02
N CYS C 178 -41.01 -12.75 -17.19
CA CYS C 178 -40.16 -13.16 -16.08
C CYS C 178 -39.46 -11.97 -15.43
N LYS C 179 -39.19 -12.08 -14.13
CA LYS C 179 -38.55 -11.02 -13.33
C LYS C 179 -37.18 -10.66 -13.87
N TYR C 180 -36.38 -11.68 -14.16
CA TYR C 180 -35.00 -11.49 -14.58
C TYR C 180 -34.78 -12.03 -15.97
N TYR C 181 -33.99 -11.30 -16.75
CA TYR C 181 -33.48 -11.82 -18.01
C TYR C 181 -32.03 -11.39 -18.23
N SER C 182 -31.33 -12.11 -19.10
CA SER C 182 -29.91 -11.88 -19.34
C SER C 182 -29.48 -12.32 -20.73
N THR C 183 -28.23 -12.79 -20.84
CA THR C 183 -27.59 -13.05 -22.13
C THR C 183 -28.33 -14.07 -23.00
N ALA C 184 -29.15 -14.91 -22.37
CA ALA C 184 -29.89 -15.95 -23.08
C ALA C 184 -30.91 -15.36 -24.04
N VAL C 185 -31.36 -14.12 -23.79
CA VAL C 185 -32.30 -13.48 -24.71
C VAL C 185 -31.66 -13.18 -26.05
N ASP C 186 -30.38 -12.80 -26.05
CA ASP C 186 -29.70 -12.50 -27.30
C ASP C 186 -29.48 -13.80 -28.07
N ILE C 187 -29.19 -14.87 -27.34
CA ILE C 187 -28.92 -16.17 -27.93
C ILE C 187 -30.16 -16.68 -28.65
N TRP C 188 -31.32 -16.52 -28.03
CA TRP C 188 -32.58 -16.85 -28.66
C TRP C 188 -32.70 -16.17 -30.03
N SER C 189 -32.52 -14.85 -30.04
CA SER C 189 -32.64 -14.04 -31.26
C SER C 189 -31.75 -14.58 -32.38
N LEU C 190 -30.48 -14.85 -32.05
CA LEU C 190 -29.56 -15.46 -33.01
C LEU C 190 -30.02 -16.83 -33.49
N GLY C 191 -30.69 -17.57 -32.61
CA GLY C 191 -31.32 -18.83 -32.98
C GLY C 191 -32.38 -18.62 -34.05
N CYS C 192 -33.32 -17.71 -33.78
CA CYS C 192 -34.31 -17.29 -34.77
C CYS C 192 -33.65 -16.83 -36.07
N ILE C 193 -32.57 -16.05 -35.97
CA ILE C 193 -31.85 -15.57 -37.15
C ILE C 193 -31.18 -16.71 -37.96
N PHE C 194 -30.65 -17.71 -37.25
CA PHE C 194 -30.01 -18.86 -37.88
C PHE C 194 -31.04 -19.60 -38.76
N ALA C 195 -32.18 -19.93 -38.17
CA ALA C 195 -33.28 -20.57 -38.87
C ALA C 195 -33.72 -19.76 -40.08
N GLU C 196 -33.77 -18.44 -39.91
CA GLU C 196 -34.21 -17.52 -40.95
C GLU C 196 -33.24 -17.44 -42.13
N MET C 197 -31.94 -17.53 -41.87
CA MET C 197 -30.95 -17.57 -42.95
C MET C 197 -31.11 -18.83 -43.83
N VAL C 198 -31.57 -19.92 -43.24
CA VAL C 198 -31.77 -21.17 -43.96
C VAL C 198 -33.00 -21.14 -44.88
N THR C 199 -34.15 -20.74 -44.33
CA THR C 199 -35.40 -20.72 -45.08
C THR C 199 -35.69 -19.38 -45.75
N ARG C 200 -34.97 -18.33 -45.34
CA ARG C 200 -35.23 -16.94 -45.77
C ARG C 200 -36.65 -16.45 -45.46
N ARG C 201 -37.26 -17.02 -44.43
CA ARG C 201 -38.48 -16.49 -43.83
C ARG C 201 -38.37 -16.59 -42.33
N ALA C 202 -38.97 -15.62 -41.64
CA ALA C 202 -38.98 -15.58 -40.19
C ALA C 202 -39.47 -16.90 -39.58
N LEU C 203 -38.86 -17.30 -38.47
CA LEU C 203 -39.19 -18.57 -37.83
C LEU C 203 -40.49 -18.50 -37.01
N PHE C 204 -40.65 -17.41 -36.25
CA PHE C 204 -41.85 -17.19 -35.47
C PHE C 204 -42.43 -15.79 -35.76
N PRO C 205 -43.13 -15.64 -36.88
CA PRO C 205 -43.72 -14.34 -37.22
C PRO C 205 -45.08 -14.10 -36.57
N GLY C 206 -45.09 -13.90 -35.26
CA GLY C 206 -46.32 -13.61 -34.54
C GLY C 206 -46.81 -12.21 -34.85
N ASP C 207 -48.13 -12.00 -34.83
CA ASP C 207 -48.68 -10.65 -34.97
C ASP C 207 -49.32 -10.15 -33.68
N SER C 208 -49.08 -10.90 -32.61
CA SER C 208 -49.45 -10.52 -31.25
C SER C 208 -48.58 -11.32 -30.29
N GLU C 209 -48.59 -10.93 -29.03
CA GLU C 209 -47.84 -11.64 -27.99
C GLU C 209 -48.28 -13.10 -27.85
N ILE C 210 -49.59 -13.34 -27.95
CA ILE C 210 -50.15 -14.67 -27.80
C ILE C 210 -49.86 -15.58 -29.01
N ASP C 211 -50.02 -15.03 -30.22
CA ASP C 211 -49.73 -15.73 -31.46
C ASP C 211 -48.26 -16.13 -31.49
N GLN C 212 -47.41 -15.20 -31.04
CA GLN C 212 -45.98 -15.44 -30.89
C GLN C 212 -45.72 -16.66 -30.00
N LEU C 213 -46.39 -16.70 -28.85
CA LEU C 213 -46.17 -17.78 -27.89
C LEU C 213 -46.65 -19.14 -28.42
N PHE C 214 -47.80 -19.16 -29.08
CA PHE C 214 -48.33 -20.39 -29.65
C PHE C 214 -47.45 -20.91 -30.78
N ARG C 215 -46.88 -20.00 -31.56
CA ARG C 215 -45.96 -20.33 -32.64
C ARG C 215 -44.70 -21.02 -32.12
N ILE C 216 -44.18 -20.54 -30.99
CA ILE C 216 -43.02 -21.15 -30.36
C ILE C 216 -43.41 -22.50 -29.76
N PHE C 217 -44.59 -22.56 -29.17
CA PHE C 217 -45.07 -23.78 -28.53
C PHE C 217 -45.39 -24.91 -29.52
N ARG C 218 -46.04 -24.58 -30.63
CA ARG C 218 -46.34 -25.58 -31.66
C ARG C 218 -45.08 -26.14 -32.34
N THR C 219 -43.97 -25.43 -32.21
CA THR C 219 -42.73 -25.77 -32.90
C THR C 219 -41.72 -26.55 -32.05
N LEU C 220 -41.64 -26.24 -30.76
CA LEU C 220 -40.57 -26.77 -29.92
C LEU C 220 -41.04 -27.61 -28.72
N GLY C 221 -42.34 -27.64 -28.48
CA GLY C 221 -42.88 -28.32 -27.32
C GLY C 221 -43.55 -27.35 -26.39
N THR C 222 -43.29 -27.50 -25.10
CA THR C 222 -43.73 -26.54 -24.08
C THR C 222 -42.93 -26.75 -22.79
N PRO C 223 -42.41 -25.66 -22.21
CA PRO C 223 -41.70 -25.72 -20.93
C PRO C 223 -42.56 -26.35 -19.83
N ASP C 224 -42.30 -27.63 -19.57
CA ASP C 224 -42.84 -28.31 -18.40
C ASP C 224 -41.81 -28.24 -17.28
N GLU C 225 -42.17 -28.72 -16.10
CA GLU C 225 -41.31 -28.58 -14.91
C GLU C 225 -39.98 -29.34 -14.98
N VAL C 226 -39.84 -30.26 -15.93
CA VAL C 226 -38.57 -30.97 -16.13
C VAL C 226 -37.61 -30.23 -17.06
N VAL C 227 -38.14 -29.73 -18.18
CA VAL C 227 -37.33 -28.99 -19.16
C VAL C 227 -37.12 -27.53 -18.74
N TRP C 228 -38.02 -27.03 -17.90
CA TRP C 228 -37.90 -25.71 -17.29
C TRP C 228 -38.60 -25.65 -15.93
N PRO C 229 -37.82 -25.71 -14.85
CA PRO C 229 -38.35 -25.61 -13.48
C PRO C 229 -38.93 -24.22 -13.20
N GLY C 230 -40.13 -24.19 -12.60
CA GLY C 230 -40.78 -22.95 -12.23
C GLY C 230 -41.38 -22.19 -13.40
N VAL C 231 -42.32 -22.83 -14.09
CA VAL C 231 -43.03 -22.21 -15.21
C VAL C 231 -44.41 -21.68 -14.81
N THR C 232 -45.09 -22.43 -13.93
CA THR C 232 -46.42 -22.07 -13.44
C THR C 232 -46.44 -20.71 -12.76
N SER C 233 -45.41 -20.42 -11.96
CA SER C 233 -45.31 -19.18 -11.21
C SER C 233 -44.78 -18.04 -12.09
N MET C 234 -45.65 -17.54 -12.97
CA MET C 234 -45.32 -16.45 -13.88
C MET C 234 -46.54 -15.55 -14.12
N PRO C 235 -46.34 -14.23 -14.07
CA PRO C 235 -47.45 -13.25 -14.17
C PRO C 235 -48.28 -13.32 -15.46
N ASP C 236 -47.73 -13.94 -16.51
CA ASP C 236 -48.44 -14.03 -17.80
C ASP C 236 -48.74 -15.46 -18.25
N TYR C 237 -48.19 -16.44 -17.51
CA TYR C 237 -48.48 -17.85 -17.73
C TYR C 237 -49.94 -18.14 -17.39
N LYS C 238 -50.69 -18.65 -18.36
CA LYS C 238 -52.11 -18.95 -18.19
C LYS C 238 -52.35 -20.46 -18.10
N PRO C 239 -53.12 -20.89 -17.08
CA PRO C 239 -53.29 -22.32 -16.79
C PRO C 239 -54.28 -23.05 -17.71
N SER C 240 -54.31 -22.66 -18.98
CA SER C 240 -55.17 -23.30 -19.97
C SER C 240 -54.37 -23.64 -21.22
N PHE C 241 -53.15 -24.18 -21.01
CA PHE C 241 -52.23 -24.33 -22.14
C PHE C 241 -51.22 -25.50 -22.22
N PRO C 242 -50.29 -25.58 -21.27
CA PRO C 242 -49.00 -26.29 -21.46
C PRO C 242 -48.97 -27.78 -21.87
N LYS C 243 -47.73 -28.29 -22.01
CA LYS C 243 -47.38 -29.70 -22.29
C LYS C 243 -47.21 -30.04 -23.79
N TRP C 244 -47.67 -31.24 -24.17
CA TRP C 244 -47.82 -31.70 -25.57
C TRP C 244 -46.73 -31.34 -26.62
N ALA C 245 -47.20 -31.05 -27.84
CA ALA C 245 -46.38 -30.75 -29.02
C ALA C 245 -45.76 -31.98 -29.70
N ARG C 246 -44.78 -31.75 -30.58
CA ARG C 246 -44.27 -32.79 -31.48
C ARG C 246 -42.94 -32.42 -32.18
N GLN C 247 -42.65 -33.16 -33.26
CA GLN C 247 -41.56 -32.90 -34.21
C GLN C 247 -40.18 -32.56 -33.65
N ASP C 248 -39.29 -33.53 -33.72
CA ASP C 248 -37.87 -33.32 -33.45
C ASP C 248 -37.30 -32.33 -34.47
N PHE C 249 -36.22 -31.63 -34.08
CA PHE C 249 -35.58 -30.63 -34.93
C PHE C 249 -35.14 -31.24 -36.26
N SER C 250 -36.04 -31.15 -37.24
CA SER C 250 -35.85 -31.72 -38.58
C SER C 250 -36.87 -31.13 -39.54
N LYS C 251 -38.12 -31.11 -39.10
CA LYS C 251 -39.21 -30.52 -39.90
C LYS C 251 -39.28 -29.00 -39.68
N VAL C 252 -38.75 -28.56 -38.54
CA VAL C 252 -38.61 -27.14 -38.22
C VAL C 252 -37.79 -26.44 -39.30
N VAL C 253 -36.58 -26.96 -39.53
CA VAL C 253 -35.67 -26.43 -40.53
C VAL C 253 -35.15 -27.59 -41.40
N PRO C 254 -35.82 -27.85 -42.52
CA PRO C 254 -35.47 -28.95 -43.44
C PRO C 254 -34.01 -28.99 -43.93
N PRO C 255 -33.48 -27.98 -44.63
CA PRO C 255 -32.16 -28.07 -45.27
C PRO C 255 -30.98 -28.03 -44.31
N LEU C 256 -31.21 -28.31 -43.03
CA LEU C 256 -30.16 -28.24 -42.02
C LEU C 256 -29.70 -29.62 -41.58
N ASP C 257 -28.39 -29.82 -41.59
CA ASP C 257 -27.77 -31.10 -41.18
C ASP C 257 -27.99 -31.41 -39.70
N GLU C 258 -27.46 -32.57 -39.26
CA GLU C 258 -27.63 -33.04 -37.89
C GLU C 258 -27.02 -32.07 -36.87
N ASP C 259 -25.81 -31.61 -37.15
CA ASP C 259 -25.08 -30.71 -36.27
C ASP C 259 -25.74 -29.32 -36.23
N GLY C 260 -26.12 -28.83 -37.40
CA GLY C 260 -26.85 -27.58 -37.52
C GLY C 260 -28.08 -27.54 -36.63
N ARG C 261 -28.92 -28.57 -36.73
CA ARG C 261 -30.13 -28.67 -35.91
C ARG C 261 -29.82 -28.91 -34.45
N SER C 262 -28.69 -29.56 -34.15
CA SER C 262 -28.25 -29.72 -32.77
C SER C 262 -27.93 -28.37 -32.13
N LEU C 263 -27.13 -27.55 -32.82
CA LEU C 263 -26.81 -26.20 -32.34
C LEU C 263 -28.05 -25.32 -32.25
N LEU C 264 -28.90 -25.36 -33.28
CA LEU C 264 -30.14 -24.60 -33.28
C LEU C 264 -31.05 -24.94 -32.10
N SER C 265 -31.15 -26.23 -31.80
CA SER C 265 -32.01 -26.69 -30.70
C SER C 265 -31.47 -26.23 -29.36
N GLN C 266 -30.15 -26.10 -29.29
CA GLN C 266 -29.47 -25.61 -28.09
C GLN C 266 -29.65 -24.10 -27.95
N MET C 267 -29.57 -23.39 -29.06
CA MET C 267 -29.79 -21.93 -29.09
C MET C 267 -31.26 -21.59 -28.82
N LEU C 268 -32.16 -22.52 -29.09
CA LEU C 268 -33.58 -22.30 -28.87
C LEU C 268 -34.15 -23.13 -27.73
N HIS C 269 -33.34 -23.38 -26.70
CA HIS C 269 -33.79 -24.07 -25.50
C HIS C 269 -34.80 -23.20 -24.77
N TYR C 270 -35.86 -23.81 -24.27
CA TYR C 270 -36.86 -23.12 -23.47
C TYR C 270 -36.25 -22.53 -22.20
N ASP C 271 -35.46 -23.32 -21.49
CA ASP C 271 -34.82 -22.88 -20.26
C ASP C 271 -33.65 -21.93 -20.55
N PRO C 272 -33.74 -20.70 -20.01
CA PRO C 272 -32.67 -19.71 -20.19
C PRO C 272 -31.31 -20.19 -19.67
N ASN C 273 -31.30 -20.88 -18.53
CA ASN C 273 -30.07 -21.42 -17.94
C ASN C 273 -29.45 -22.54 -18.79
N LYS C 274 -30.28 -23.39 -19.37
CA LYS C 274 -29.81 -24.48 -20.22
C LYS C 274 -29.48 -24.01 -21.65
N ARG C 275 -30.03 -22.87 -22.05
CA ARG C 275 -29.78 -22.30 -23.37
C ARG C 275 -28.27 -22.06 -23.54
N ILE C 276 -27.74 -22.46 -24.69
CA ILE C 276 -26.30 -22.39 -24.92
C ILE C 276 -25.79 -20.94 -24.93
N SER C 277 -24.58 -20.76 -24.40
CA SER C 277 -23.90 -19.46 -24.45
C SER C 277 -23.27 -19.31 -25.82
N ALA C 278 -23.05 -18.06 -26.21
CA ALA C 278 -22.37 -17.75 -27.47
C ALA C 278 -20.97 -18.33 -27.47
N LYS C 279 -20.34 -18.26 -26.31
CA LYS C 279 -18.99 -18.76 -26.08
C LYS C 279 -18.92 -20.26 -26.32
N ALA C 280 -19.82 -21.01 -25.68
CA ALA C 280 -19.88 -22.46 -25.85
C ALA C 280 -20.26 -22.83 -27.28
N ALA C 281 -21.19 -22.08 -27.86
CA ALA C 281 -21.65 -22.33 -29.21
C ALA C 281 -20.55 -22.22 -30.26
N LEU C 282 -19.53 -21.40 -29.98
CA LEU C 282 -18.41 -21.24 -30.90
C LEU C 282 -17.53 -22.50 -31.03
N ALA C 283 -17.66 -23.40 -30.05
CA ALA C 283 -16.91 -24.65 -30.04
C ALA C 283 -17.74 -25.83 -30.56
N HIS C 284 -18.91 -25.54 -31.13
CA HIS C 284 -19.82 -26.58 -31.59
C HIS C 284 -19.31 -27.30 -32.85
N PRO C 285 -19.48 -28.63 -32.89
CA PRO C 285 -19.17 -29.45 -34.10
C PRO C 285 -19.59 -28.83 -35.42
N PHE C 286 -20.69 -28.09 -35.43
CA PHE C 286 -21.19 -27.42 -36.63
C PHE C 286 -20.15 -26.49 -37.25
N PHE C 287 -19.33 -25.88 -36.41
CA PHE C 287 -18.38 -24.86 -36.86
C PHE C 287 -17.00 -25.42 -37.20
N GLN C 288 -16.81 -26.73 -37.07
CA GLN C 288 -15.50 -27.35 -37.23
C GLN C 288 -14.83 -27.07 -38.59
N ASP C 289 -15.66 -26.94 -39.64
CA ASP C 289 -15.17 -26.70 -41.00
C ASP C 289 -15.46 -25.30 -41.55
N VAL C 290 -15.67 -24.32 -40.67
CA VAL C 290 -16.08 -22.97 -41.10
C VAL C 290 -15.02 -22.26 -41.95
N THR C 291 -15.48 -21.60 -43.01
CA THR C 291 -14.65 -20.74 -43.86
C THR C 291 -15.27 -19.34 -43.88
N LYS C 292 -14.70 -18.44 -44.68
CA LYS C 292 -15.27 -17.10 -44.86
C LYS C 292 -15.56 -16.79 -46.33
N PRO C 293 -16.67 -17.32 -46.84
CA PRO C 293 -17.09 -17.08 -48.22
C PRO C 293 -17.53 -15.65 -48.46
N VAL C 294 -17.37 -15.20 -49.71
CA VAL C 294 -17.90 -13.93 -50.17
C VAL C 294 -19.34 -14.16 -50.66
N PRO C 295 -20.27 -13.28 -50.30
CA PRO C 295 -21.65 -13.42 -50.76
C PRO C 295 -21.80 -13.09 -52.25
N HIS C 296 -22.87 -13.56 -52.88
CA HIS C 296 -23.19 -13.13 -54.24
C HIS C 296 -24.05 -11.88 -54.20
N LEU C 297 -23.39 -10.73 -54.04
CA LEU C 297 -24.06 -9.44 -53.95
C LEU C 297 -24.08 -8.72 -55.30
N VAL D 1 -25.35 -15.97 -14.78
CA VAL D 1 -24.67 -16.08 -16.11
C VAL D 1 -23.21 -16.60 -15.96
N PRO D 2 -23.08 -17.86 -15.53
CA PRO D 2 -21.78 -18.42 -15.11
C PRO D 2 -20.71 -18.43 -16.20
N ASP D 3 -21.13 -18.67 -17.44
CA ASP D 3 -20.22 -18.75 -18.58
C ASP D 3 -19.38 -17.48 -18.82
N TYR D 4 -19.73 -16.37 -18.16
CA TYR D 4 -19.04 -15.10 -18.37
C TYR D 4 -18.54 -14.41 -17.08
N HIS D 5 -18.78 -15.03 -15.93
CA HIS D 5 -18.45 -14.46 -14.62
C HIS D 5 -17.00 -13.98 -14.52
N GLU D 6 -16.05 -14.86 -14.87
CA GLU D 6 -14.62 -14.56 -14.89
C GLU D 6 -14.28 -13.48 -15.91
N ASP D 7 -14.85 -13.62 -17.11
CA ASP D 7 -14.62 -12.67 -18.20
C ASP D 7 -15.04 -11.25 -17.83
N ILE D 8 -16.24 -11.12 -17.29
CA ILE D 8 -16.78 -9.84 -16.84
C ILE D 8 -15.99 -9.30 -15.65
N HIS D 9 -15.71 -10.18 -14.68
CA HIS D 9 -14.89 -9.78 -13.54
C HIS D 9 -13.56 -9.20 -13.97
N THR D 10 -12.86 -9.92 -14.85
CA THR D 10 -11.57 -9.50 -15.37
C THR D 10 -11.66 -8.18 -16.15
N TYR D 11 -12.77 -7.98 -16.86
CA TYR D 11 -12.97 -6.76 -17.63
C TYR D 11 -13.14 -5.53 -16.74
N LEU D 12 -14.03 -5.64 -15.76
CA LEU D 12 -14.33 -4.57 -14.82
C LEU D 12 -13.07 -4.13 -14.08
N ARG D 13 -12.21 -5.10 -13.78
CA ARG D 13 -10.93 -4.84 -13.11
C ARG D 13 -10.02 -3.99 -13.97
N GLU D 14 -10.02 -4.24 -15.28
CA GLU D 14 -9.27 -3.45 -16.24
C GLU D 14 -9.87 -2.06 -16.40
N MET D 15 -11.21 -1.98 -16.41
CA MET D 15 -11.92 -0.73 -16.65
C MET D 15 -11.93 0.24 -15.46
N GLU D 16 -12.01 -0.30 -14.24
CA GLU D 16 -11.97 0.52 -13.03
C GLU D 16 -10.67 1.34 -12.97
N VAL D 17 -9.59 0.77 -13.51
CA VAL D 17 -8.32 1.48 -13.61
C VAL D 17 -8.44 2.71 -14.53
N LYS D 18 -9.02 2.53 -15.72
CA LYS D 18 -9.10 3.61 -16.70
C LYS D 18 -10.14 4.69 -16.35
N CYS D 19 -11.17 4.31 -15.61
CA CYS D 19 -12.23 5.22 -15.20
C CYS D 19 -11.97 5.87 -13.84
N LYS D 20 -10.78 5.61 -13.28
CA LYS D 20 -10.40 6.13 -11.98
C LYS D 20 -10.18 7.65 -12.02
N PRO D 21 -10.84 8.37 -11.12
CA PRO D 21 -10.62 9.82 -11.00
C PRO D 21 -9.21 10.12 -10.52
N LYS D 22 -8.74 11.33 -10.80
CA LYS D 22 -7.42 11.78 -10.41
C LYS D 22 -7.34 12.00 -8.88
N VAL D 23 -6.54 11.16 -8.22
CA VAL D 23 -6.31 11.25 -6.77
C VAL D 23 -5.89 12.66 -6.39
N GLY D 24 -6.51 13.23 -5.36
CA GLY D 24 -6.21 14.58 -4.93
C GLY D 24 -6.39 15.63 -6.02
N TYR D 25 -7.49 15.54 -6.78
CA TYR D 25 -7.81 16.58 -7.76
C TYR D 25 -8.25 17.87 -7.07
N MET D 26 -8.79 17.71 -5.86
CA MET D 26 -9.28 18.82 -5.03
C MET D 26 -8.18 19.83 -4.70
N LYS D 27 -6.94 19.35 -4.59
CA LYS D 27 -5.78 20.22 -4.40
C LYS D 27 -5.58 21.19 -5.57
N LYS D 28 -6.12 20.84 -6.73
CA LYS D 28 -5.96 21.65 -7.93
C LYS D 28 -7.18 22.53 -8.21
N GLN D 29 -8.23 22.36 -7.40
CA GLN D 29 -9.44 23.18 -7.50
C GLN D 29 -9.32 24.35 -6.54
N PRO D 30 -9.17 25.55 -7.07
CA PRO D 30 -8.99 26.74 -6.22
C PRO D 30 -10.24 27.19 -5.47
N ASP D 31 -11.43 26.79 -5.91
CA ASP D 31 -12.66 27.31 -5.33
C ASP D 31 -13.48 26.30 -4.55
N ILE D 32 -13.13 25.03 -4.64
CA ILE D 32 -13.90 23.98 -3.97
C ILE D 32 -13.01 23.01 -3.18
N THR D 33 -13.62 22.33 -2.21
CA THR D 33 -12.91 21.46 -1.29
C THR D 33 -13.62 20.13 -1.13
N ASN D 34 -12.99 19.20 -0.39
CA ASN D 34 -13.55 17.88 -0.15
C ASN D 34 -14.85 17.91 0.66
N SER D 35 -14.97 18.91 1.53
CA SER D 35 -16.12 19.11 2.40
C SER D 35 -17.32 19.53 1.57
N MET D 36 -17.09 20.36 0.57
CA MET D 36 -18.14 20.75 -0.37
C MET D 36 -18.60 19.55 -1.18
N ARG D 37 -17.63 18.73 -1.60
CA ARG D 37 -17.89 17.48 -2.31
C ARG D 37 -18.72 16.51 -1.45
N ALA D 38 -18.39 16.45 -0.16
CA ALA D 38 -19.14 15.63 0.80
C ALA D 38 -20.60 16.11 0.90
N ILE D 39 -20.78 17.43 0.98
CA ILE D 39 -22.13 17.99 0.96
C ILE D 39 -22.90 17.59 -0.32
N LEU D 40 -22.24 17.71 -1.48
CA LEU D 40 -22.85 17.35 -2.75
C LEU D 40 -23.25 15.87 -2.79
N VAL D 41 -22.33 14.98 -2.43
CA VAL D 41 -22.60 13.55 -2.49
C VAL D 41 -23.76 13.15 -1.56
N ASP D 42 -23.79 13.76 -0.38
CA ASP D 42 -24.84 13.50 0.59
C ASP D 42 -26.20 13.98 0.06
N TRP D 43 -26.19 15.10 -0.66
CA TRP D 43 -27.40 15.58 -1.32
C TRP D 43 -27.85 14.60 -2.42
N LEU D 44 -26.90 14.01 -3.13
CA LEU D 44 -27.24 13.05 -4.19
C LEU D 44 -27.93 11.79 -3.65
N VAL D 45 -27.52 11.35 -2.46
CA VAL D 45 -28.15 10.24 -1.76
C VAL D 45 -29.62 10.62 -1.45
N GLU D 46 -29.84 11.82 -0.92
CA GLU D 46 -31.20 12.34 -0.67
C GLU D 46 -32.05 12.28 -1.95
N VAL D 47 -31.45 12.70 -3.06
CA VAL D 47 -32.11 12.70 -4.36
C VAL D 47 -32.42 11.28 -4.80
N GLY D 48 -31.47 10.37 -4.56
CA GLY D 48 -31.63 8.98 -4.90
C GLY D 48 -32.82 8.36 -4.18
N GLU D 49 -33.01 8.77 -2.92
CA GLU D 49 -34.10 8.24 -2.10
C GLU D 49 -35.43 8.87 -2.43
N GLU D 50 -35.43 10.18 -2.68
CA GLU D 50 -36.64 10.90 -3.09
C GLU D 50 -37.27 10.32 -4.36
N TYR D 51 -36.44 9.98 -5.34
CA TYR D 51 -36.95 9.45 -6.61
C TYR D 51 -36.81 7.95 -6.70
N LYS D 52 -36.47 7.32 -5.57
CA LYS D 52 -36.30 5.86 -5.47
C LYS D 52 -35.45 5.28 -6.59
N LEU D 53 -34.23 5.81 -6.71
CA LEU D 53 -33.30 5.41 -7.74
C LEU D 53 -32.44 4.24 -7.30
N GLN D 54 -31.86 3.52 -8.27
CA GLN D 54 -30.95 2.42 -7.98
C GLN D 54 -29.70 2.93 -7.30
N ASN D 55 -29.14 2.15 -6.38
CA ASN D 55 -27.88 2.51 -5.72
C ASN D 55 -26.76 2.65 -6.73
N GLU D 56 -26.81 1.83 -7.77
CA GLU D 56 -25.86 1.84 -8.87
C GLU D 56 -25.79 3.20 -9.54
N THR D 57 -26.96 3.84 -9.70
CA THR D 57 -27.09 5.16 -10.30
C THR D 57 -26.31 6.21 -9.52
N LEU D 58 -26.44 6.18 -8.20
CA LEU D 58 -25.70 7.04 -7.29
C LEU D 58 -24.19 6.87 -7.44
N HIS D 59 -23.73 5.61 -7.48
CA HIS D 59 -22.31 5.30 -7.62
C HIS D 59 -21.75 5.86 -8.92
N LEU D 60 -22.44 5.59 -10.02
CA LEU D 60 -22.07 6.14 -11.32
C LEU D 60 -21.95 7.65 -11.31
N ALA D 61 -22.96 8.30 -10.72
CA ALA D 61 -23.01 9.76 -10.66
C ALA D 61 -21.75 10.34 -10.01
N VAL D 62 -21.36 9.76 -8.88
CA VAL D 62 -20.16 10.19 -8.14
C VAL D 62 -18.90 10.02 -9.00
N ASN D 63 -18.83 8.91 -9.73
CA ASN D 63 -17.69 8.65 -10.62
C ASN D 63 -17.62 9.71 -11.71
N TYR D 64 -18.78 10.08 -12.27
CA TYR D 64 -18.83 11.11 -13.32
C TYR D 64 -18.36 12.44 -12.73
N ILE D 65 -18.88 12.78 -11.55
CA ILE D 65 -18.49 14.04 -10.88
C ILE D 65 -16.98 14.10 -10.65
N ASP D 66 -16.42 13.07 -10.04
CA ASP D 66 -14.99 13.04 -9.73
C ASP D 66 -14.12 13.16 -10.98
N ARG D 67 -14.47 12.43 -12.04
CA ARG D 67 -13.74 12.54 -13.30
C ARG D 67 -13.88 13.90 -13.95
N PHE D 68 -15.08 14.48 -13.90
CA PHE D 68 -15.33 15.80 -14.45
C PHE D 68 -14.46 16.84 -13.73
N LEU D 69 -14.48 16.80 -12.40
CA LEU D 69 -13.67 17.74 -11.59
C LEU D 69 -12.15 17.45 -11.63
N SER D 70 -11.78 16.27 -12.17
CA SER D 70 -10.40 15.90 -12.41
C SER D 70 -9.78 16.65 -13.60
N SER D 71 -10.63 17.23 -14.46
CA SER D 71 -10.13 18.00 -15.60
C SER D 71 -10.72 19.40 -15.77
N MET D 72 -11.78 19.70 -15.05
CA MET D 72 -12.45 20.99 -15.19
C MET D 72 -12.49 21.69 -13.84
N SER D 73 -11.93 22.90 -13.79
CA SER D 73 -12.06 23.72 -12.59
C SER D 73 -13.47 24.29 -12.58
N VAL D 74 -14.13 24.18 -11.42
CA VAL D 74 -15.53 24.58 -11.22
C VAL D 74 -15.60 25.47 -9.98
N LEU D 75 -16.25 26.63 -10.10
CA LEU D 75 -16.52 27.50 -8.96
C LEU D 75 -17.58 26.84 -8.08
N ARG D 76 -17.62 27.20 -6.81
CA ARG D 76 -18.50 26.48 -5.87
C ARG D 76 -20.01 26.69 -6.12
N GLY D 77 -20.37 27.84 -6.67
CA GLY D 77 -21.74 28.13 -7.06
C GLY D 77 -22.25 27.30 -8.24
N LYS D 78 -21.36 26.54 -8.87
CA LYS D 78 -21.72 25.69 -10.02
C LYS D 78 -21.52 24.21 -9.73
N LEU D 79 -20.98 23.90 -8.55
CA LEU D 79 -20.74 22.53 -8.13
C LEU D 79 -22.03 21.69 -8.12
N GLN D 80 -23.13 22.25 -7.63
CA GLN D 80 -24.39 21.49 -7.60
C GLN D 80 -24.92 21.24 -9.02
N LEU D 81 -24.63 22.16 -9.93
CA LEU D 81 -25.06 22.04 -11.32
C LEU D 81 -24.37 20.84 -11.97
N VAL D 82 -23.09 20.66 -11.68
CA VAL D 82 -22.31 19.50 -12.12
C VAL D 82 -22.91 18.20 -11.59
N GLY D 83 -23.19 18.18 -10.28
CA GLY D 83 -23.77 17.02 -9.64
C GLY D 83 -25.16 16.68 -10.16
N THR D 84 -25.96 17.70 -10.45
CA THR D 84 -27.29 17.49 -11.02
C THR D 84 -27.23 16.87 -12.41
N ALA D 85 -26.36 17.42 -13.25
CA ALA D 85 -26.11 16.86 -14.59
C ALA D 85 -25.57 15.43 -14.51
N ALA D 86 -24.63 15.17 -13.60
CA ALA D 86 -24.06 13.83 -13.42
C ALA D 86 -25.14 12.82 -13.06
N MET D 87 -26.03 13.23 -12.16
CA MET D 87 -27.10 12.34 -11.70
C MET D 87 -28.11 12.07 -12.81
N LEU D 88 -28.38 13.07 -13.65
CA LEU D 88 -29.29 12.92 -14.77
C LEU D 88 -28.72 11.92 -15.77
N LEU D 89 -27.44 12.06 -16.10
CA LEU D 89 -26.76 11.18 -17.03
C LEU D 89 -26.74 9.75 -16.51
N ALA D 90 -26.39 9.61 -15.23
CA ALA D 90 -26.40 8.30 -14.59
C ALA D 90 -27.80 7.71 -14.57
N SER D 91 -28.81 8.54 -14.35
CA SER D 91 -30.21 8.08 -14.41
C SER D 91 -30.58 7.58 -15.81
N LYS D 92 -30.17 8.33 -16.84
CA LYS D 92 -30.45 7.94 -18.21
C LYS D 92 -29.74 6.64 -18.60
N PHE D 93 -28.50 6.49 -18.15
CA PHE D 93 -27.72 5.29 -18.43
C PHE D 93 -28.30 4.05 -17.73
N GLU D 94 -28.61 4.20 -16.44
CA GLU D 94 -28.88 3.06 -15.56
C GLU D 94 -30.35 2.72 -15.30
N GLU D 95 -31.23 3.72 -15.24
CA GLU D 95 -32.61 3.48 -14.80
C GLU D 95 -33.53 3.01 -15.92
N ILE D 96 -34.48 2.16 -15.58
CA ILE D 96 -35.57 1.82 -16.49
C ILE D 96 -36.37 3.10 -16.80
N TYR D 97 -36.74 3.83 -15.76
CA TYR D 97 -37.54 5.04 -15.89
C TYR D 97 -36.87 6.22 -15.18
N PRO D 98 -35.87 6.83 -15.80
CA PRO D 98 -35.16 7.95 -15.16
C PRO D 98 -36.13 9.08 -14.86
N PRO D 99 -35.90 9.89 -13.83
CA PRO D 99 -36.72 11.07 -13.59
C PRO D 99 -36.56 12.03 -14.76
N GLU D 100 -37.62 12.79 -15.05
CA GLU D 100 -37.58 13.80 -16.09
C GLU D 100 -36.63 14.91 -15.67
N VAL D 101 -36.08 15.62 -16.66
CA VAL D 101 -35.20 16.77 -16.42
C VAL D 101 -35.86 17.79 -15.48
N ALA D 102 -37.15 18.04 -15.70
CA ALA D 102 -37.92 18.97 -14.87
C ALA D 102 -37.86 18.60 -13.40
N GLU D 103 -37.76 17.30 -13.12
CA GLU D 103 -37.63 16.81 -11.75
C GLU D 103 -36.23 17.11 -11.19
N PHE D 104 -35.20 16.99 -12.02
CA PHE D 104 -33.85 17.36 -11.60
C PHE D 104 -33.72 18.88 -11.36
N VAL D 105 -34.40 19.68 -12.18
CA VAL D 105 -34.45 21.12 -11.98
C VAL D 105 -35.16 21.43 -10.66
N TYR D 106 -36.29 20.78 -10.43
CA TYR D 106 -37.03 20.91 -9.19
C TYR D 106 -36.17 20.72 -7.92
N ILE D 107 -35.47 19.60 -7.82
CA ILE D 107 -34.66 19.30 -6.62
C ILE D 107 -33.46 20.24 -6.38
N THR D 108 -32.90 20.83 -7.44
CA THR D 108 -31.92 21.90 -7.25
C THR D 108 -32.64 23.14 -6.74
N ASP D 109 -33.95 23.00 -6.57
CA ASP D 109 -34.84 24.03 -6.04
C ASP D 109 -34.92 25.24 -6.98
N ASP D 110 -34.37 26.37 -6.56
CA ASP D 110 -34.45 27.60 -7.32
C ASP D 110 -33.15 27.96 -8.06
N THR D 111 -32.06 27.32 -7.64
CA THR D 111 -30.70 27.68 -8.06
C THR D 111 -30.51 27.82 -9.59
N TYR D 112 -30.74 26.74 -10.31
CA TYR D 112 -30.40 26.70 -11.72
C TYR D 112 -31.64 26.70 -12.62
N THR D 113 -31.44 27.05 -13.89
CA THR D 113 -32.50 26.94 -14.89
C THR D 113 -32.44 25.58 -15.55
N LYS D 114 -33.48 25.25 -16.29
CA LYS D 114 -33.54 24.03 -17.06
C LYS D 114 -32.49 24.03 -18.17
N LYS D 115 -32.30 25.19 -18.82
CA LYS D 115 -31.32 25.32 -19.89
C LYS D 115 -29.90 25.03 -19.37
N GLN D 116 -29.60 25.53 -18.17
CA GLN D 116 -28.31 25.30 -17.52
C GLN D 116 -28.05 23.81 -17.27
N VAL D 117 -29.07 23.11 -16.76
CA VAL D 117 -28.96 21.67 -16.52
C VAL D 117 -28.70 20.91 -17.83
N LEU D 118 -29.48 21.24 -18.85
CA LEU D 118 -29.34 20.65 -20.19
C LEU D 118 -27.98 20.94 -20.82
N ARG D 119 -27.54 22.18 -20.76
CA ARG D 119 -26.22 22.54 -21.30
C ARG D 119 -25.06 21.86 -20.54
N MET D 120 -25.20 21.74 -19.21
CA MET D 120 -24.20 21.05 -18.40
C MET D 120 -24.18 19.56 -18.69
N GLU D 121 -25.34 18.98 -18.94
CA GLU D 121 -25.41 17.57 -19.31
C GLU D 121 -24.52 17.29 -20.52
N HIS D 122 -24.61 18.17 -21.51
CA HIS D 122 -23.84 18.02 -22.72
C HIS D 122 -22.35 18.27 -22.49
N LEU D 123 -22.03 19.29 -21.70
CA LEU D 123 -20.64 19.56 -21.34
C LEU D 123 -20.02 18.38 -20.58
N VAL D 124 -20.78 17.76 -19.68
CA VAL D 124 -20.28 16.60 -18.94
C VAL D 124 -19.98 15.41 -19.87
N LEU D 125 -20.87 15.18 -20.85
CA LEU D 125 -20.66 14.12 -21.83
C LEU D 125 -19.41 14.35 -22.66
N LYS D 126 -19.20 15.61 -23.07
CA LYS D 126 -18.02 15.98 -23.84
C LYS D 126 -16.72 15.83 -23.05
N VAL D 127 -16.72 16.28 -21.80
CA VAL D 127 -15.56 16.14 -20.92
C VAL D 127 -15.21 14.67 -20.69
N LEU D 128 -16.21 13.84 -20.44
CA LEU D 128 -16.01 12.42 -20.19
C LEU D 128 -15.88 11.60 -21.48
N THR D 129 -15.95 12.30 -22.61
CA THR D 129 -15.98 11.71 -23.95
C THR D 129 -16.93 10.51 -24.06
N PHE D 130 -18.12 10.67 -23.48
CA PHE D 130 -19.19 9.67 -23.50
C PHE D 130 -18.86 8.35 -22.80
N ASP D 131 -17.81 8.32 -21.98
CA ASP D 131 -17.36 7.09 -21.32
C ASP D 131 -18.09 6.90 -20.00
N LEU D 132 -19.30 6.35 -20.07
CA LEU D 132 -20.20 6.33 -18.92
C LEU D 132 -20.32 4.97 -18.23
N ALA D 133 -19.91 3.91 -18.92
CA ALA D 133 -20.02 2.55 -18.39
C ALA D 133 -18.93 2.22 -17.38
N ALA D 134 -18.84 3.04 -16.33
CA ALA D 134 -17.82 2.88 -15.29
C ALA D 134 -18.16 1.76 -14.31
N PRO D 135 -17.14 0.99 -13.92
CA PRO D 135 -17.34 -0.01 -12.85
C PRO D 135 -17.44 0.69 -11.50
N THR D 136 -18.32 0.19 -10.63
CA THR D 136 -18.58 0.82 -9.35
C THR D 136 -18.34 -0.16 -8.22
N VAL D 137 -18.35 0.34 -7.00
CA VAL D 137 -18.25 -0.50 -5.80
C VAL D 137 -19.41 -1.50 -5.74
N ASN D 138 -20.60 -1.01 -6.07
CA ASN D 138 -21.82 -1.82 -6.07
C ASN D 138 -21.72 -2.99 -7.05
N GLN D 139 -21.09 -2.73 -8.19
CA GLN D 139 -20.92 -3.73 -9.25
C GLN D 139 -20.07 -4.91 -8.78
N PHE D 140 -18.99 -4.61 -8.06
CA PHE D 140 -18.16 -5.66 -7.45
C PHE D 140 -18.85 -6.35 -6.28
N LEU D 141 -19.47 -5.57 -5.39
CA LEU D 141 -20.20 -6.11 -4.24
C LEU D 141 -21.28 -7.12 -4.63
N THR D 142 -21.94 -6.85 -5.75
CA THR D 142 -23.02 -7.69 -6.25
C THR D 142 -22.49 -9.07 -6.64
N GLN D 143 -21.28 -9.10 -7.19
CA GLN D 143 -20.58 -10.34 -7.50
C GLN D 143 -20.12 -11.04 -6.24
N TYR D 144 -19.67 -10.26 -5.25
CA TYR D 144 -19.12 -10.82 -4.02
C TYR D 144 -20.20 -11.55 -3.21
N PHE D 145 -21.42 -11.01 -3.24
CA PHE D 145 -22.55 -11.55 -2.51
C PHE D 145 -22.91 -12.99 -2.90
N LEU D 146 -22.51 -13.37 -4.11
CA LEU D 146 -22.73 -14.72 -4.63
C LEU D 146 -21.91 -15.79 -3.92
N HIS D 147 -20.88 -15.35 -3.18
CA HIS D 147 -20.02 -16.25 -2.41
C HIS D 147 -20.42 -16.28 -0.93
N GLN D 148 -21.72 -16.10 -0.68
CA GLN D 148 -22.30 -16.17 0.66
C GLN D 148 -22.77 -17.59 0.92
N GLN D 149 -22.76 -17.98 2.20
CA GLN D 149 -23.17 -19.32 2.60
C GLN D 149 -23.81 -19.35 4.00
N PRO D 150 -25.13 -19.19 4.07
CA PRO D 150 -25.97 -18.87 2.90
C PRO D 150 -26.10 -17.35 2.72
N ALA D 151 -26.96 -16.92 1.80
CA ALA D 151 -27.23 -15.50 1.61
C ALA D 151 -27.86 -14.89 2.85
N ASN D 152 -27.31 -13.76 3.26
CA ASN D 152 -27.83 -13.02 4.40
C ASN D 152 -28.19 -11.59 4.00
N CYS D 153 -29.43 -11.19 4.25
CA CYS D 153 -29.94 -9.89 3.85
C CYS D 153 -29.33 -8.73 4.64
N LYS D 154 -29.03 -8.98 5.92
CA LYS D 154 -28.38 -7.97 6.77
C LYS D 154 -26.93 -7.70 6.34
N VAL D 155 -26.24 -8.75 5.88
CA VAL D 155 -24.86 -8.64 5.40
C VAL D 155 -24.82 -7.83 4.10
N GLU D 156 -25.67 -8.22 3.14
CA GLU D 156 -25.74 -7.54 1.85
C GLU D 156 -25.98 -6.04 2.07
N SER D 157 -27.06 -5.71 2.77
CA SER D 157 -27.41 -4.33 3.06
C SER D 157 -26.31 -3.56 3.77
N LEU D 158 -25.68 -4.19 4.78
CA LEU D 158 -24.59 -3.54 5.51
C LEU D 158 -23.39 -3.25 4.62
N ALA D 159 -23.06 -4.17 3.73
CA ALA D 159 -21.97 -3.96 2.78
C ALA D 159 -22.27 -2.82 1.80
N MET D 160 -23.55 -2.65 1.47
CA MET D 160 -23.99 -1.54 0.61
C MET D 160 -23.83 -0.22 1.35
N PHE D 161 -24.29 -0.23 2.60
CA PHE D 161 -24.21 0.93 3.48
C PHE D 161 -22.79 1.48 3.57
N LEU D 162 -21.83 0.58 3.73
CA LEU D 162 -20.43 0.95 3.91
C LEU D 162 -19.77 1.39 2.61
N GLY D 163 -20.11 0.70 1.51
CA GLY D 163 -19.66 1.10 0.19
C GLY D 163 -20.06 2.54 -0.10
N GLU D 164 -21.29 2.88 0.29
CA GLU D 164 -21.84 4.20 0.07
C GLU D 164 -21.17 5.29 0.89
N LEU D 165 -20.95 5.02 2.17
CA LEU D 165 -20.26 5.95 3.07
C LEU D 165 -18.91 6.38 2.48
N SER D 166 -18.23 5.46 1.79
CA SER D 166 -16.96 5.74 1.14
C SER D 166 -17.06 6.76 0.01
N LEU D 167 -18.25 6.93 -0.56
CA LEU D 167 -18.45 7.95 -1.60
C LEU D 167 -18.31 9.37 -1.09
N ILE D 168 -18.70 9.57 0.18
CA ILE D 168 -18.76 10.89 0.79
C ILE D 168 -17.38 11.56 0.99
N ASP D 169 -16.38 10.76 1.32
CA ASP D 169 -15.07 11.29 1.68
C ASP D 169 -14.01 10.98 0.64
N ALA D 170 -13.67 11.99 -0.15
CA ALA D 170 -12.66 11.87 -1.19
C ALA D 170 -11.33 11.45 -0.57
N ASP D 171 -11.01 12.06 0.56
CA ASP D 171 -9.89 11.66 1.40
C ASP D 171 -10.46 10.75 2.49
N PRO D 172 -10.09 9.47 2.52
CA PRO D 172 -9.06 8.88 1.65
C PRO D 172 -9.56 8.02 0.48
N TYR D 173 -10.87 7.94 0.24
CA TYR D 173 -11.39 6.86 -0.60
C TYR D 173 -11.05 6.94 -2.10
N LEU D 174 -10.68 8.12 -2.56
CA LEU D 174 -10.26 8.33 -3.95
C LEU D 174 -8.96 7.61 -4.35
N LYS D 175 -8.21 7.08 -3.39
CA LYS D 175 -6.99 6.34 -3.72
C LYS D 175 -7.21 4.82 -3.73
N TYR D 176 -8.40 4.41 -3.34
CA TYR D 176 -8.79 3.00 -3.42
C TYR D 176 -9.64 2.75 -4.65
N LEU D 177 -9.50 1.56 -5.22
CA LEU D 177 -10.27 1.16 -6.38
C LEU D 177 -11.60 0.56 -5.95
N PRO D 178 -12.65 0.73 -6.76
CA PRO D 178 -13.96 0.16 -6.46
C PRO D 178 -13.92 -1.28 -5.99
N SER D 179 -13.03 -2.10 -6.58
CA SER D 179 -12.93 -3.51 -6.21
C SER D 179 -12.40 -3.69 -4.79
N VAL D 180 -11.42 -2.88 -4.42
CA VAL D 180 -10.82 -2.91 -3.09
C VAL D 180 -11.80 -2.46 -2.02
N ILE D 181 -12.42 -1.29 -2.24
CA ILE D 181 -13.43 -0.76 -1.31
C ILE D 181 -14.57 -1.77 -1.13
N ALA D 182 -14.99 -2.38 -2.24
CA ALA D 182 -16.00 -3.43 -2.21
C ALA D 182 -15.58 -4.63 -1.34
N GLY D 183 -14.33 -5.05 -1.47
CA GLY D 183 -13.77 -6.13 -0.67
C GLY D 183 -13.80 -5.82 0.83
N ALA D 184 -13.32 -4.64 1.18
CA ALA D 184 -13.32 -4.18 2.57
C ALA D 184 -14.73 -4.06 3.14
N ALA D 185 -15.66 -3.55 2.32
CA ALA D 185 -17.05 -3.42 2.73
C ALA D 185 -17.71 -4.78 2.97
N PHE D 186 -17.37 -5.76 2.13
CA PHE D 186 -17.97 -7.08 2.24
C PHE D 186 -17.47 -7.81 3.50
N HIS D 187 -16.16 -7.79 3.71
CA HIS D 187 -15.57 -8.39 4.91
C HIS D 187 -16.15 -7.77 6.18
N LEU D 188 -16.17 -6.45 6.25
CA LEU D 188 -16.66 -5.73 7.43
C LEU D 188 -18.10 -6.09 7.78
N ALA D 189 -18.97 -6.13 6.77
CA ALA D 189 -20.37 -6.48 6.93
C ALA D 189 -20.56 -7.94 7.36
N LEU D 190 -19.76 -8.82 6.77
CA LEU D 190 -19.74 -10.24 7.12
C LEU D 190 -19.40 -10.44 8.59
N TYR D 191 -18.34 -9.77 9.04
CA TYR D 191 -17.86 -9.86 10.43
C TYR D 191 -18.86 -9.31 11.45
N THR D 192 -19.44 -8.15 11.15
CA THR D 192 -20.37 -7.48 12.06
C THR D 192 -21.63 -8.31 12.32
N VAL D 193 -22.13 -8.99 11.29
CA VAL D 193 -23.40 -9.70 11.39
C VAL D 193 -23.24 -11.20 11.70
N THR D 194 -22.32 -11.87 11.00
CA THR D 194 -22.18 -13.32 11.14
C THR D 194 -21.00 -13.73 12.02
N GLY D 195 -19.97 -12.90 12.05
CA GLY D 195 -18.72 -13.24 12.72
C GLY D 195 -17.74 -13.88 11.76
N GLN D 196 -18.20 -14.17 10.55
CA GLN D 196 -17.37 -14.77 9.51
C GLN D 196 -16.39 -13.75 8.93
N SER D 197 -15.55 -14.21 8.01
CA SER D 197 -14.58 -13.33 7.35
C SER D 197 -14.54 -13.56 5.83
N TRP D 198 -13.82 -12.66 5.15
CA TRP D 198 -13.53 -12.73 3.71
C TRP D 198 -13.30 -14.18 3.25
N PRO D 199 -14.27 -14.75 2.53
CA PRO D 199 -14.23 -16.18 2.15
C PRO D 199 -13.08 -16.56 1.23
N GLU D 200 -12.76 -17.86 1.22
CA GLU D 200 -11.67 -18.40 0.39
C GLU D 200 -12.06 -18.44 -1.08
N SER D 201 -13.35 -18.56 -1.35
CA SER D 201 -13.86 -18.55 -2.72
C SER D 201 -13.61 -17.20 -3.40
N LEU D 202 -13.48 -16.16 -2.59
CA LEU D 202 -13.25 -14.80 -3.10
C LEU D 202 -11.78 -14.42 -3.25
N ILE D 203 -10.90 -15.00 -2.44
CA ILE D 203 -9.46 -14.80 -2.62
C ILE D 203 -9.00 -15.50 -3.92
N ARG D 204 -9.66 -16.61 -4.24
CA ARG D 204 -9.49 -17.26 -5.54
C ARG D 204 -9.90 -16.30 -6.65
N LYS D 205 -11.16 -15.84 -6.58
CA LYS D 205 -11.76 -14.95 -7.58
C LYS D 205 -11.00 -13.64 -7.79
N THR D 206 -10.86 -12.87 -6.72
CA THR D 206 -10.33 -11.51 -6.79
C THR D 206 -8.81 -11.45 -6.68
N GLY D 207 -8.24 -12.37 -5.92
CA GLY D 207 -6.82 -12.35 -5.61
C GLY D 207 -6.52 -11.36 -4.50
N TYR D 208 -7.56 -11.00 -3.74
CA TYR D 208 -7.42 -10.07 -2.63
C TYR D 208 -7.30 -10.83 -1.31
N THR D 209 -6.18 -10.64 -0.64
CA THR D 209 -5.99 -11.17 0.71
C THR D 209 -6.58 -10.18 1.70
N LEU D 210 -6.93 -10.66 2.89
CA LEU D 210 -7.32 -9.78 3.99
C LEU D 210 -6.16 -8.85 4.37
N GLU D 211 -4.98 -9.15 3.86
CA GLU D 211 -3.78 -8.34 4.04
C GLU D 211 -3.71 -7.20 3.02
N SER D 212 -4.01 -7.51 1.76
CA SER D 212 -4.04 -6.51 0.70
C SER D 212 -5.20 -5.54 0.89
N LEU D 213 -6.25 -6.01 1.54
CA LEU D 213 -7.43 -5.22 1.85
C LEU D 213 -7.32 -4.43 3.16
N LYS D 214 -6.26 -4.68 3.92
CA LYS D 214 -6.09 -4.09 5.26
C LYS D 214 -6.12 -2.55 5.31
N PRO D 215 -5.30 -1.86 4.52
CA PRO D 215 -5.27 -0.39 4.58
C PRO D 215 -6.66 0.21 4.36
N CYS D 216 -7.36 -0.26 3.33
CA CYS D 216 -8.75 0.14 3.09
C CYS D 216 -9.65 -0.28 4.23
N LEU D 217 -9.44 -1.50 4.73
CA LEU D 217 -10.22 -2.03 5.85
C LEU D 217 -10.12 -1.10 7.06
N MET D 218 -8.89 -0.66 7.35
CA MET D 218 -8.64 0.22 8.50
C MET D 218 -9.43 1.52 8.37
N ASP D 219 -9.27 2.18 7.23
CA ASP D 219 -9.98 3.42 6.92
C ASP D 219 -11.50 3.27 7.06
N LEU D 220 -12.03 2.20 6.47
CA LEU D 220 -13.47 1.97 6.44
C LEU D 220 -14.02 1.55 7.80
N HIS D 221 -13.19 0.84 8.56
CA HIS D 221 -13.48 0.51 9.94
C HIS D 221 -13.69 1.79 10.74
N GLN D 222 -12.77 2.73 10.59
CA GLN D 222 -12.82 4.04 11.22
C GLN D 222 -14.07 4.85 10.84
N THR D 223 -14.32 4.95 9.54
CA THR D 223 -15.48 5.67 9.00
C THR D 223 -16.80 5.12 9.59
N TYR D 224 -16.89 3.79 9.64
CA TYR D 224 -18.02 3.08 10.24
C TYR D 224 -18.17 3.46 11.72
N LEU D 225 -17.04 3.47 12.44
CA LEU D 225 -17.02 3.79 13.87
C LEU D 225 -17.47 5.21 14.14
N LYS D 226 -17.05 6.13 13.27
CA LYS D 226 -17.31 7.56 13.46
C LYS D 226 -18.56 8.07 12.73
N ALA D 227 -19.23 7.17 12.00
CA ALA D 227 -20.35 7.54 11.13
C ALA D 227 -21.45 8.40 11.77
N PRO D 228 -21.84 8.10 13.02
CA PRO D 228 -22.86 8.90 13.70
C PRO D 228 -22.46 10.35 13.99
N GLN D 229 -21.16 10.66 13.92
CA GLN D 229 -20.65 12.01 14.18
C GLN D 229 -20.34 12.80 12.91
N HIS D 230 -20.18 12.08 11.79
CA HIS D 230 -19.96 12.70 10.48
C HIS D 230 -21.03 13.75 10.16
N ALA D 231 -20.58 14.89 9.65
CA ALA D 231 -21.47 16.00 9.25
C ALA D 231 -22.57 15.60 8.26
N GLN D 232 -22.33 14.56 7.48
CA GLN D 232 -23.30 14.07 6.51
C GLN D 232 -23.98 12.82 7.04
N GLN D 233 -25.31 12.85 7.09
CA GLN D 233 -26.09 11.79 7.75
C GLN D 233 -27.16 11.13 6.87
N SER D 234 -27.22 11.48 5.59
CA SER D 234 -28.25 10.93 4.70
C SER D 234 -28.13 9.42 4.48
N ILE D 235 -26.90 8.91 4.39
CA ILE D 235 -26.67 7.47 4.23
C ILE D 235 -27.18 6.70 5.45
N ARG D 236 -26.72 7.11 6.64
CA ARG D 236 -27.16 6.51 7.90
C ARG D 236 -28.68 6.56 8.03
N GLU D 237 -29.27 7.71 7.70
CA GLU D 237 -30.72 7.86 7.71
C GLU D 237 -31.37 6.85 6.78
N LYS D 238 -30.86 6.78 5.55
CA LYS D 238 -31.36 5.87 4.51
C LYS D 238 -31.36 4.42 4.98
N TYR D 239 -30.26 3.99 5.59
CA TYR D 239 -30.07 2.59 5.96
C TYR D 239 -30.63 2.22 7.35
N LYS D 240 -31.53 3.06 7.86
CA LYS D 240 -32.30 2.75 9.06
C LYS D 240 -33.63 2.11 8.68
N ASN D 241 -34.00 2.28 7.41
CA ASN D 241 -35.27 1.77 6.91
C ASN D 241 -35.29 0.26 6.71
N SER D 242 -36.48 -0.32 6.83
CA SER D 242 -36.74 -1.75 6.69
C SER D 242 -36.25 -2.33 5.36
N LYS D 243 -36.35 -1.51 4.30
CA LYS D 243 -35.84 -1.85 2.97
C LYS D 243 -34.40 -2.37 3.02
N TYR D 244 -33.61 -1.77 3.90
CA TYR D 244 -32.22 -2.19 4.10
C TYR D 244 -32.03 -2.89 5.45
N HIS D 245 -33.14 -3.28 6.08
CA HIS D 245 -33.14 -4.00 7.36
C HIS D 245 -32.41 -3.26 8.48
N GLY D 246 -32.64 -1.94 8.57
CA GLY D 246 -32.09 -1.09 9.62
C GLY D 246 -30.64 -1.32 9.98
N VAL D 247 -29.81 -1.59 8.98
CA VAL D 247 -28.44 -2.03 9.20
C VAL D 247 -27.48 -0.94 9.70
N SER D 248 -27.84 0.32 9.51
CA SER D 248 -27.03 1.42 10.03
C SER D 248 -27.18 1.60 11.54
N LEU D 249 -28.19 0.95 12.11
CA LEU D 249 -28.45 0.99 13.56
C LEU D 249 -27.57 0.03 14.34
N LEU D 250 -27.08 -1.01 13.65
CA LEU D 250 -26.19 -1.99 14.27
C LEU D 250 -24.90 -1.34 14.77
N ASN D 251 -24.34 -1.89 15.84
CA ASN D 251 -23.08 -1.38 16.38
C ASN D 251 -21.90 -2.04 15.69
N PRO D 252 -20.92 -1.23 15.26
CA PRO D 252 -19.73 -1.75 14.58
C PRO D 252 -18.81 -2.47 15.55
N PRO D 253 -17.99 -3.41 15.07
CA PRO D 253 -17.00 -4.08 15.93
C PRO D 253 -15.99 -3.07 16.47
N GLU D 254 -15.61 -3.24 17.75
CA GLU D 254 -14.65 -2.33 18.38
C GLU D 254 -13.25 -2.50 17.79
N THR D 255 -12.89 -3.75 17.49
CA THR D 255 -11.60 -4.08 16.88
C THR D 255 -11.78 -5.06 15.72
N LEU D 256 -10.80 -5.12 14.85
CA LEU D 256 -10.85 -5.98 13.66
C LEU D 256 -10.08 -7.28 13.85
N ASN D 257 -8.94 -7.19 14.53
CA ASN D 257 -8.07 -8.33 14.84
C ASN D 257 -7.50 -9.03 13.61
N LEU D 258 -6.98 -8.22 12.68
CA LEU D 258 -6.35 -8.73 11.47
C LEU D 258 -4.84 -8.60 11.54
C1 TBS E . 42.29 -0.80 5.19
C2 TBS E . 41.79 -1.24 6.38
C3 TBS E . 41.27 -0.32 7.26
C4 TBS E . 42.29 0.55 4.88
N5 TBS E . 41.68 2.87 5.65
C6 TBS E . 41.78 1.50 5.74
C7 TBS E . 41.25 1.03 7.00
N8 TBS E . 40.80 2.11 7.75
N9 TBS E . 41.07 3.23 6.90
BR10 TBS E . 42.99 1.13 3.24
BR11 TBS E . 42.96 -2.11 4.05
BR12 TBS E . 41.80 -3.10 6.78
BR13 TBS E . 40.61 -0.97 8.86
C1 TBS F . -25.70 1.04 -42.18
C2 TBS F . -24.99 1.50 -41.08
C3 TBS F . -25.67 2.01 -39.99
C4 TBS F . -27.09 1.09 -42.18
N5 TBS F . -29.15 1.75 -40.89
C6 TBS F . -27.80 1.60 -41.10
C7 TBS F . -27.06 2.07 -39.95
N8 TBS F . -27.93 2.54 -38.99
N9 TBS F . -29.22 2.33 -39.58
BR10 TBS F . -28.12 0.48 -43.63
BR11 TBS F . -24.73 0.36 -43.64
BR12 TBS F . -23.09 1.42 -41.05
BR13 TBS F . -24.68 2.62 -38.52
#